data_3NVX
#
_entry.id   3NVX
#
_cell.length_a   51.088
_cell.length_b   171.006
_cell.length_c   211.175
_cell.angle_alpha   90.00
_cell.angle_beta   90.00
_cell.angle_gamma   90.00
#
_symmetry.space_group_name_H-M   'C 2 2 21'
#
loop_
_entity.id
_entity.type
_entity.pdbx_description
1 polymer 'Protein A39'
2 non-polymer 2-acetamido-2-deoxy-beta-D-glucopyranose
3 water water
#
_entity_poly.entity_id   1
_entity_poly.type   'polypeptide(L)'
_entity_poly.pdbx_seq_one_letter_code
;SIEWHKFETSEEIISTYLLDDVLYTGVNGAVYTFSNNKLNKTGLTNNNYITTSIKVEDADKDTLVCGTNNGNPKCWKIDG
SDDPKHRGRGYAPYQNSKVTIISYNECVLSDINISKEGIKRWRRFDGPCGYDLYTADNVIPKDGLRGAFVDKDGTYDKVY
ILFTDTIGSKRIVKIPYIAQMCLNDEGGPSSLSSHRWSTFLKVELECDIDGRSYRQIIHSRTIKTDNDTILYVFFDSPYS
KSALCTYSMNTIKQSFSTSKLEGYTKQLPSPAPGICLPAGKVVSHTTFEVIEKYNVLDDIIKPLSNQPIFEGPSGVKWFD
IKEKENEHREYRIYFIKENSIYSFDTKSKQTRSSQVDARLFSVMVTSKPLFIADIGIGVGMPQ
;
_entity_poly.pdbx_strand_id   A,B
#
loop_
_chem_comp.id
_chem_comp.type
_chem_comp.name
_chem_comp.formula
NAG D-saccharide, beta linking 2-acetamido-2-deoxy-beta-D-glucopyranose 'C8 H15 N O6'
#
# COMPACT_ATOMS: atom_id res chain seq x y z
N SER A 1 9.09 6.74 -32.36
CA SER A 1 10.01 5.64 -32.13
C SER A 1 10.24 5.41 -30.64
N ILE A 2 10.88 4.31 -30.30
CA ILE A 2 11.18 3.99 -28.91
C ILE A 2 12.25 4.94 -28.37
N GLU A 3 12.00 5.50 -27.21
CA GLU A 3 13.01 6.32 -26.55
C GLU A 3 13.82 5.42 -25.61
N TRP A 4 15.08 5.19 -25.97
CA TRP A 4 15.92 4.25 -25.22
C TRP A 4 16.72 4.91 -24.11
N HIS A 5 16.58 4.39 -22.89
CA HIS A 5 17.43 4.77 -21.78
C HIS A 5 18.47 3.68 -21.60
N LYS A 6 19.69 3.97 -22.05
CA LYS A 6 20.67 2.92 -22.21
C LYS A 6 21.55 2.73 -21.00
N PHE A 7 21.89 1.47 -20.75
CA PHE A 7 22.93 1.14 -19.78
C PHE A 7 24.27 1.59 -20.34
N GLU A 8 25.24 1.80 -19.47
CA GLU A 8 26.60 2.10 -19.93
C GLU A 8 27.08 1.06 -20.94
N THR A 9 26.77 -0.19 -20.64
CA THR A 9 27.11 -1.31 -21.51
C THR A 9 25.96 -2.31 -21.44
N SER A 10 25.80 -3.12 -22.48
CA SER A 10 24.70 -4.07 -22.51
C SER A 10 24.73 -4.96 -21.27
N GLU A 11 23.56 -5.27 -20.73
CA GLU A 11 23.46 -6.11 -19.53
C GLU A 11 22.75 -7.42 -19.83
N GLU A 12 22.96 -8.42 -18.97
CA GLU A 12 22.15 -9.65 -18.96
C GLU A 12 20.89 -9.37 -18.16
N ILE A 13 19.75 -9.28 -18.80
CA ILE A 13 18.51 -9.02 -18.06
C ILE A 13 18.08 -10.31 -17.36
N ILE A 14 17.98 -10.25 -16.05
CA ILE A 14 17.62 -11.43 -15.28
C ILE A 14 16.16 -11.39 -14.79
N SER A 15 15.66 -10.19 -14.47
CA SER A 15 14.27 -10.06 -14.02
C SER A 15 13.71 -8.65 -14.18
N THR A 16 12.40 -8.55 -14.30
CA THR A 16 11.70 -7.26 -14.37
C THR A 16 10.36 -7.34 -13.61
N TYR A 17 10.16 -6.42 -12.66
CA TYR A 17 8.94 -6.35 -11.87
C TYR A 17 8.47 -4.92 -11.79
N LEU A 18 7.16 -4.73 -11.74
CA LEU A 18 6.62 -3.41 -11.43
C LEU A 18 6.17 -3.35 -9.98
N LEU A 19 6.63 -2.35 -9.24
CA LEU A 19 6.14 -2.15 -7.88
C LEU A 19 5.79 -0.68 -7.70
N ASP A 20 4.53 -0.41 -7.37
CA ASP A 20 4.07 0.95 -7.17
C ASP A 20 4.49 1.81 -8.37
N ASP A 21 4.32 1.25 -9.56
CA ASP A 21 4.62 1.95 -10.82
C ASP A 21 6.11 2.21 -11.08
N VAL A 22 6.97 1.60 -10.29
CA VAL A 22 8.40 1.71 -10.51
C VAL A 22 8.91 0.40 -11.09
N LEU A 23 9.66 0.48 -12.19
CA LEU A 23 10.20 -0.71 -12.83
C LEU A 23 11.56 -1.09 -12.24
N TYR A 24 11.65 -2.33 -11.76
CA TYR A 24 12.86 -2.89 -11.18
C TYR A 24 13.46 -3.93 -12.11
N THR A 25 14.61 -3.60 -12.69
CA THR A 25 15.27 -4.48 -13.65
C THR A 25 16.51 -5.05 -12.99
N GLY A 26 16.46 -6.35 -12.70
CA GLY A 26 17.59 -7.06 -12.14
C GLY A 26 18.53 -7.53 -13.23
N VAL A 27 19.84 -7.30 -13.06
CA VAL A 27 20.79 -7.83 -14.02
C VAL A 27 21.80 -8.70 -13.28
N ASN A 28 22.94 -8.96 -13.91
CA ASN A 28 24.04 -9.62 -13.21
C ASN A 28 24.84 -8.58 -12.45
N GLY A 29 24.63 -8.49 -11.15
CA GLY A 29 25.46 -7.66 -10.31
C GLY A 29 24.90 -6.28 -10.00
N ALA A 30 23.63 -6.06 -10.32
CA ALA A 30 23.02 -4.74 -10.07
C ALA A 30 21.51 -4.80 -10.22
N VAL A 31 20.83 -3.81 -9.64
CA VAL A 31 19.41 -3.63 -9.92
C VAL A 31 19.20 -2.17 -10.34
N TYR A 32 18.36 -1.96 -11.34
CA TYR A 32 18.07 -0.63 -11.83
C TYR A 32 16.62 -0.27 -11.55
N THR A 33 16.37 0.98 -11.24
CA THR A 33 15.00 1.45 -11.11
C THR A 33 14.68 2.36 -12.28
N PHE A 34 13.42 2.36 -12.70
CA PHE A 34 13.00 3.27 -13.76
C PHE A 34 11.62 3.79 -13.43
N SER A 35 11.52 5.11 -13.33
CA SER A 35 10.27 5.81 -13.12
C SER A 35 10.51 7.29 -13.37
N ASN A 36 9.44 8.01 -13.71
CA ASN A 36 9.54 9.42 -14.04
C ASN A 36 10.61 9.61 -15.11
N ASN A 37 10.68 8.65 -16.03
CA ASN A 37 11.62 8.71 -17.14
C ASN A 37 13.10 8.73 -16.77
N LYS A 38 13.40 8.25 -15.58
CA LYS A 38 14.78 8.17 -15.13
C LYS A 38 15.19 6.76 -14.76
N LEU A 39 16.33 6.35 -15.31
CA LEU A 39 16.95 5.08 -15.00
C LEU A 39 18.02 5.31 -13.94
N ASN A 40 17.85 4.68 -12.78
CA ASN A 40 18.83 4.78 -11.69
C ASN A 40 19.41 3.42 -11.38
N LYS A 41 20.53 3.39 -10.68
CA LYS A 41 21.25 2.15 -10.45
C LYS A 41 21.70 1.93 -9.01
N THR A 42 21.49 0.72 -8.53
CA THR A 42 22.11 0.25 -7.30
C THR A 42 23.03 -0.90 -7.68
N GLY A 43 24.33 -0.69 -7.56
CA GLY A 43 25.27 -1.77 -7.83
C GLY A 43 25.28 -2.73 -6.66
N LEU A 44 25.43 -4.02 -6.93
CA LEU A 44 25.51 -5.02 -5.87
C LEU A 44 26.73 -5.90 -6.09
N THR A 45 26.85 -7.00 -5.34
CA THR A 45 27.98 -7.91 -5.54
C THR A 45 27.99 -8.46 -6.97
N ASN A 46 29.14 -8.93 -7.44
CA ASN A 46 29.24 -9.46 -8.79
C ASN A 46 28.87 -10.94 -8.85
N ASN A 47 28.75 -11.49 -10.06
CA ASN A 47 28.37 -12.89 -10.24
C ASN A 47 27.11 -13.17 -9.42
N ASN A 48 26.10 -12.33 -9.63
CA ASN A 48 24.98 -12.21 -8.73
C ASN A 48 23.73 -11.83 -9.52
N TYR A 49 23.02 -12.85 -9.96
CA TYR A 49 21.90 -12.69 -10.86
C TYR A 49 20.70 -12.25 -10.07
N ILE A 50 20.22 -11.05 -10.35
CA ILE A 50 19.18 -10.45 -9.56
C ILE A 50 17.83 -10.90 -10.10
N THR A 51 17.26 -11.93 -9.47
CA THR A 51 16.03 -12.55 -9.96
C THR A 51 14.77 -11.97 -9.33
N THR A 52 14.94 -11.17 -8.29
CA THR A 52 13.83 -10.89 -7.39
C THR A 52 13.81 -9.46 -6.84
N SER A 53 12.71 -8.76 -7.10
CA SER A 53 12.41 -7.50 -6.47
C SER A 53 10.97 -7.61 -6.01
N ILE A 54 10.75 -7.55 -4.70
CA ILE A 54 9.39 -7.69 -4.15
C ILE A 54 9.11 -6.71 -3.02
N LYS A 55 7.81 -6.55 -2.77
CA LYS A 55 7.33 -5.65 -1.74
C LYS A 55 7.04 -6.48 -0.47
N VAL A 56 7.63 -6.09 0.65
CA VAL A 56 7.46 -6.82 1.91
C VAL A 56 7.30 -5.87 3.10
N LYS A 61 11.50 1.69 -2.05
CA LYS A 61 12.20 2.17 -0.86
C LYS A 61 12.52 0.98 0.03
N ASP A 62 11.54 0.56 0.82
CA ASP A 62 11.55 -0.77 1.40
C ASP A 62 11.03 -1.69 0.31
N THR A 63 11.92 -1.98 -0.62
CA THR A 63 11.71 -3.00 -1.63
C THR A 63 12.84 -3.97 -1.37
N LEU A 64 12.51 -5.26 -1.37
CA LEU A 64 13.52 -6.27 -1.18
C LEU A 64 14.05 -6.77 -2.53
N VAL A 65 15.37 -6.77 -2.69
CA VAL A 65 16.00 -7.21 -3.93
C VAL A 65 16.93 -8.36 -3.61
N CYS A 66 16.79 -9.46 -4.35
CA CYS A 66 17.54 -10.67 -4.04
C CYS A 66 18.22 -11.24 -5.27
N GLY A 67 19.35 -11.89 -5.08
CA GLY A 67 20.09 -12.47 -6.19
C GLY A 67 20.89 -13.68 -5.80
N THR A 68 21.44 -14.37 -6.79
CA THR A 68 22.18 -15.60 -6.57
C THR A 68 23.42 -15.40 -5.70
N ASN A 69 23.94 -14.17 -5.70
CA ASN A 69 25.04 -13.80 -4.83
C ASN A 69 26.17 -14.84 -4.89
N ASN A 70 26.63 -15.11 -6.10
CA ASN A 70 27.75 -16.03 -6.30
C ASN A 70 27.52 -17.41 -5.69
N GLY A 71 26.26 -17.86 -5.70
CA GLY A 71 25.94 -19.20 -5.25
C GLY A 71 25.45 -19.29 -3.81
N ASN A 72 25.34 -18.14 -3.16
CA ASN A 72 24.74 -18.05 -1.83
C ASN A 72 23.60 -17.03 -1.82
N PRO A 73 22.38 -17.48 -2.20
CA PRO A 73 21.25 -16.57 -2.35
C PRO A 73 21.20 -15.57 -1.21
N LYS A 74 20.92 -14.31 -1.52
CA LYS A 74 20.94 -13.24 -0.53
C LYS A 74 20.02 -12.10 -0.95
N CYS A 75 19.54 -11.35 0.03
CA CYS A 75 18.67 -10.22 -0.24
C CYS A 75 19.26 -8.91 0.30
N TRP A 76 18.91 -7.82 -0.36
CA TRP A 76 19.31 -6.49 0.07
C TRP A 76 18.08 -5.59 -0.01
N LYS A 77 18.18 -4.40 0.54
CA LYS A 77 17.16 -3.38 0.29
C LYS A 77 17.62 -2.63 -0.96
N ILE A 78 16.71 -1.88 -1.58
CA ILE A 78 17.03 -1.19 -2.83
C ILE A 78 18.26 -0.29 -2.71
N ASP A 79 18.58 0.15 -1.50
CA ASP A 79 19.74 1.02 -1.29
C ASP A 79 21.06 0.27 -1.19
N GLY A 80 21.03 -1.04 -1.40
CA GLY A 80 22.25 -1.84 -1.37
C GLY A 80 22.62 -2.36 0.01
N SER A 81 21.94 -1.89 1.04
CA SER A 81 22.19 -2.38 2.41
C SER A 81 21.67 -3.79 2.58
N ASP A 82 22.34 -4.57 3.42
CA ASP A 82 21.92 -5.94 3.70
C ASP A 82 20.51 -5.95 4.32
N ASP A 83 19.72 -6.95 3.94
CA ASP A 83 18.39 -7.13 4.52
C ASP A 83 18.55 -7.53 5.98
N PRO A 84 17.97 -6.72 6.89
CA PRO A 84 18.03 -6.94 8.34
C PRO A 84 17.45 -8.29 8.76
N LYS A 85 16.56 -8.86 7.96
CA LYS A 85 15.94 -10.14 8.30
C LYS A 85 16.73 -11.32 7.72
N HIS A 86 17.77 -11.01 6.94
CA HIS A 86 18.70 -12.00 6.40
C HIS A 86 18.02 -13.03 5.48
N ARG A 87 17.07 -12.56 4.68
CA ARG A 87 16.43 -13.42 3.71
C ARG A 87 17.41 -13.79 2.58
N GLY A 88 17.27 -15.01 2.07
CA GLY A 88 18.13 -15.52 1.03
C GLY A 88 17.53 -16.75 0.39
N ARG A 89 17.69 -17.89 1.07
CA ARG A 89 17.06 -19.15 0.67
C ARG A 89 15.59 -18.94 0.33
N GLY A 90 15.20 -19.38 -0.87
CA GLY A 90 13.82 -19.27 -1.30
C GLY A 90 13.48 -17.92 -1.97
N TYR A 91 14.44 -17.00 -1.96
CA TYR A 91 14.21 -15.67 -2.55
C TYR A 91 15.00 -15.44 -3.84
N ALA A 92 16.06 -16.23 -4.02
CA ALA A 92 16.81 -16.22 -5.26
C ALA A 92 17.32 -17.64 -5.43
N PRO A 93 17.45 -18.09 -6.69
CA PRO A 93 17.93 -19.45 -6.99
C PRO A 93 19.43 -19.57 -6.76
N TYR A 94 19.93 -20.81 -6.88
CA TYR A 94 21.33 -21.12 -6.63
C TYR A 94 22.16 -20.97 -7.88
N GLN A 95 21.47 -20.68 -8.99
CA GLN A 95 22.11 -20.35 -10.25
C GLN A 95 21.17 -19.51 -11.09
N ASN A 96 21.65 -19.06 -12.24
CA ASN A 96 20.83 -18.26 -13.12
C ASN A 96 19.77 -19.14 -13.81
N SER A 97 18.59 -19.22 -13.20
CA SER A 97 17.52 -20.04 -13.74
C SER A 97 16.17 -19.35 -13.51
N LYS A 98 15.13 -19.81 -14.19
CA LYS A 98 13.84 -19.14 -14.10
C LYS A 98 13.17 -19.35 -12.74
N VAL A 99 12.55 -18.29 -12.20
CA VAL A 99 11.87 -18.39 -10.92
C VAL A 99 10.48 -17.74 -10.95
N THR A 100 9.63 -18.18 -10.04
CA THR A 100 8.33 -17.54 -9.83
C THR A 100 8.19 -17.19 -8.36
N ILE A 101 8.16 -15.90 -8.06
CA ILE A 101 8.06 -15.46 -6.69
C ILE A 101 7.21 -14.22 -6.64
N ILE A 102 6.25 -14.20 -5.73
CA ILE A 102 5.32 -13.10 -5.59
C ILE A 102 5.07 -12.81 -4.11
N SER A 103 4.60 -11.60 -3.84
CA SER A 103 4.21 -11.26 -2.49
C SER A 103 2.84 -10.63 -2.61
N TYR A 104 2.00 -10.88 -1.61
CA TYR A 104 0.70 -10.24 -1.53
C TYR A 104 0.41 -9.98 -0.05
N ASN A 105 0.11 -8.73 0.28
CA ASN A 105 -0.04 -8.34 1.68
C ASN A 105 1.15 -8.77 2.53
N GLU A 106 2.34 -8.68 1.96
CA GLU A 106 3.59 -9.02 2.65
C GLU A 106 3.81 -10.51 2.83
N CYS A 107 2.85 -11.32 2.38
CA CYS A 107 3.07 -12.78 2.32
C CYS A 107 3.82 -13.16 1.07
N VAL A 108 4.84 -14.00 1.22
CA VAL A 108 5.69 -14.32 0.08
C VAL A 108 5.48 -15.75 -0.33
N LEU A 109 5.29 -15.96 -1.63
CA LEU A 109 5.14 -17.30 -2.18
C LEU A 109 6.10 -17.49 -3.32
N SER A 110 6.64 -18.69 -3.44
CA SER A 110 7.80 -18.87 -4.27
C SER A 110 8.02 -20.32 -4.68
N ASP A 111 8.46 -20.55 -5.91
CA ASP A 111 8.88 -21.89 -6.30
C ASP A 111 10.40 -22.08 -6.30
N ILE A 112 11.11 -21.13 -5.69
CA ILE A 112 12.56 -21.16 -5.67
C ILE A 112 13.04 -22.21 -4.68
N ASN A 113 13.89 -23.12 -5.13
CA ASN A 113 14.40 -24.16 -4.23
C ASN A 113 15.01 -23.55 -2.98
N ILE A 114 14.74 -24.13 -1.81
CA ILE A 114 15.30 -23.58 -0.58
C ILE A 114 16.57 -24.33 -0.17
N SER A 115 17.04 -25.23 -1.04
CA SER A 115 18.36 -25.83 -0.91
C SER A 115 18.81 -26.28 -2.30
N LYS A 116 20.13 -26.39 -2.50
CA LYS A 116 20.63 -26.65 -3.84
C LYS A 116 20.20 -28.01 -4.41
N GLU A 117 19.69 -27.99 -5.64
CA GLU A 117 19.14 -29.18 -6.28
C GLU A 117 18.09 -29.84 -5.38
N GLY A 118 17.38 -29.02 -4.61
CA GLY A 118 16.30 -29.54 -3.80
C GLY A 118 15.12 -29.94 -4.66
N ILE A 119 14.14 -30.59 -4.03
CA ILE A 119 12.92 -30.99 -4.73
C ILE A 119 12.12 -29.73 -5.07
N LYS A 120 11.58 -29.69 -6.29
CA LYS A 120 10.85 -28.51 -6.73
C LYS A 120 9.49 -28.42 -6.01
N ARG A 121 9.24 -27.29 -5.36
CA ARG A 121 7.97 -27.10 -4.65
C ARG A 121 7.46 -25.67 -4.78
N TRP A 122 6.16 -25.50 -4.59
CA TRP A 122 5.55 -24.18 -4.44
C TRP A 122 5.36 -23.93 -2.95
N ARG A 123 6.00 -22.88 -2.44
CA ARG A 123 5.97 -22.68 -0.99
C ARG A 123 5.32 -21.34 -0.60
N ARG A 124 4.72 -21.30 0.59
CA ARG A 124 4.41 -20.01 1.22
C ARG A 124 5.38 -19.89 2.36
N PHE A 125 6.01 -18.73 2.48
CA PHE A 125 6.95 -18.50 3.55
C PHE A 125 6.25 -17.96 4.80
N ASP A 126 6.86 -18.22 5.95
CA ASP A 126 6.27 -17.85 7.22
C ASP A 126 6.02 -16.34 7.23
N GLY A 127 4.82 -15.94 7.63
CA GLY A 127 4.45 -14.54 7.58
C GLY A 127 2.98 -14.30 7.94
N PRO A 128 2.45 -13.15 7.50
CA PRO A 128 1.12 -12.66 7.87
C PRO A 128 -0.01 -13.60 7.47
N CYS A 129 0.22 -14.47 6.50
CA CYS A 129 -0.85 -15.37 6.04
C CYS A 129 -0.76 -16.76 6.71
N GLY A 130 0.23 -16.94 7.57
CA GLY A 130 0.44 -18.20 8.26
C GLY A 130 1.87 -18.70 8.13
N TYR A 131 2.19 -19.82 8.77
CA TYR A 131 3.55 -20.32 8.72
C TYR A 131 3.86 -20.98 7.36
N ASP A 132 5.07 -21.51 7.21
CA ASP A 132 5.51 -21.95 5.89
C ASP A 132 4.79 -23.21 5.46
N LEU A 133 4.46 -23.27 4.18
CA LEU A 133 3.83 -24.43 3.57
C LEU A 133 4.59 -24.83 2.30
N TYR A 134 4.48 -26.11 1.91
CA TYR A 134 5.07 -26.54 0.65
C TYR A 134 4.21 -27.59 -0.03
N THR A 135 4.33 -27.69 -1.36
CA THR A 135 3.62 -28.72 -2.10
C THR A 135 4.30 -30.05 -1.92
N ALA A 136 3.55 -31.14 -2.16
CA ALA A 136 4.08 -32.50 -2.02
C ALA A 136 5.05 -32.81 -3.15
N ASP A 137 5.85 -33.85 -2.97
CA ASP A 137 6.80 -34.27 -4.01
C ASP A 137 6.11 -34.39 -5.37
N ASN A 138 6.70 -33.78 -6.39
CA ASN A 138 6.22 -33.94 -7.77
C ASN A 138 4.90 -33.25 -8.08
N VAL A 139 4.36 -32.50 -7.12
CA VAL A 139 3.12 -31.79 -7.38
C VAL A 139 3.34 -30.69 -8.42
N ILE A 140 4.52 -30.07 -8.36
CA ILE A 140 4.93 -29.01 -9.28
C ILE A 140 5.94 -29.60 -10.27
N PRO A 141 5.89 -29.19 -11.55
CA PRO A 141 6.81 -29.78 -12.53
C PRO A 141 8.26 -29.47 -12.19
N LYS A 142 9.18 -30.36 -12.55
CA LYS A 142 10.61 -30.07 -12.36
C LYS A 142 10.98 -28.72 -12.94
N ASP A 143 10.18 -28.28 -13.91
CA ASP A 143 10.38 -27.04 -14.64
C ASP A 143 9.93 -25.78 -13.86
N GLY A 144 9.26 -25.97 -12.74
CA GLY A 144 8.69 -24.83 -12.02
C GLY A 144 7.44 -24.26 -12.69
N LEU A 145 7.08 -23.05 -12.30
CA LEU A 145 5.84 -22.44 -12.77
C LEU A 145 6.07 -21.47 -13.92
N ARG A 146 4.96 -21.00 -14.49
CA ARG A 146 4.98 -20.02 -15.56
C ARG A 146 4.09 -18.86 -15.24
N GLY A 147 3.46 -18.87 -14.07
CA GLY A 147 2.59 -17.78 -13.68
C GLY A 147 2.08 -17.97 -12.26
N ALA A 148 1.80 -16.85 -11.59
CA ALA A 148 1.25 -16.89 -10.25
C ALA A 148 0.63 -15.55 -9.90
N PHE A 149 -0.52 -15.62 -9.25
CA PHE A 149 -1.24 -14.43 -8.84
C PHE A 149 -2.22 -14.75 -7.71
N VAL A 150 -2.66 -13.72 -7.01
CA VAL A 150 -3.62 -13.87 -5.93
C VAL A 150 -4.93 -13.25 -6.39
N ASP A 151 -6.04 -13.93 -6.11
CA ASP A 151 -7.35 -13.44 -6.50
C ASP A 151 -8.43 -13.98 -5.56
N LYS A 152 -9.39 -13.14 -5.22
CA LYS A 152 -10.49 -13.55 -4.37
C LYS A 152 -11.40 -14.54 -5.10
N ASP A 153 -11.69 -15.65 -4.43
CA ASP A 153 -12.70 -16.57 -4.92
C ASP A 153 -13.93 -16.33 -4.05
N GLY A 154 -14.73 -15.33 -4.41
CA GLY A 154 -15.76 -14.82 -3.51
C GLY A 154 -15.17 -14.12 -2.31
N THR A 155 -15.36 -14.72 -1.14
CA THR A 155 -14.93 -14.16 0.13
C THR A 155 -13.43 -14.26 0.38
N TYR A 156 -12.84 -15.38 -0.01
CA TYR A 156 -11.47 -15.69 0.41
C TYR A 156 -10.43 -15.47 -0.68
N ASP A 157 -9.23 -15.07 -0.25
CA ASP A 157 -8.09 -14.97 -1.15
C ASP A 157 -7.57 -16.34 -1.54
N LYS A 158 -7.42 -16.60 -2.84
CA LYS A 158 -6.75 -17.81 -3.27
C LYS A 158 -5.52 -17.49 -4.10
N VAL A 159 -4.53 -18.37 -4.04
CA VAL A 159 -3.37 -18.28 -4.88
C VAL A 159 -3.58 -19.18 -6.08
N TYR A 160 -3.37 -18.62 -7.26
CA TYR A 160 -3.46 -19.38 -8.51
C TYR A 160 -2.10 -19.41 -9.17
N ILE A 161 -1.70 -20.60 -9.63
CA ILE A 161 -0.43 -20.76 -10.32
C ILE A 161 -0.65 -21.46 -11.65
N LEU A 162 0.17 -21.11 -12.62
CA LEU A 162 0.14 -21.78 -13.91
C LEU A 162 1.43 -22.53 -14.15
N PHE A 163 1.30 -23.70 -14.77
CA PHE A 163 2.47 -24.48 -15.15
C PHE A 163 2.16 -25.50 -16.22
N THR A 164 3.21 -25.97 -16.88
CA THR A 164 3.10 -27.02 -17.88
C THR A 164 3.79 -28.29 -17.38
N ASP A 165 3.01 -29.34 -17.15
CA ASP A 165 3.55 -30.64 -16.76
C ASP A 165 4.09 -31.39 -17.96
N THR A 166 5.03 -32.29 -17.72
CA THR A 166 5.53 -33.16 -18.75
C THR A 166 5.33 -34.58 -18.27
N ILE A 167 4.55 -35.37 -19.00
CA ILE A 167 4.25 -36.74 -18.58
C ILE A 167 4.34 -37.74 -19.73
N GLY A 168 4.20 -39.01 -19.39
CA GLY A 168 4.12 -40.08 -20.38
C GLY A 168 5.40 -40.87 -20.52
N SER A 169 5.28 -42.04 -21.14
CA SER A 169 6.42 -42.94 -21.30
C SER A 169 6.77 -43.13 -22.77
N LYS A 170 5.90 -43.82 -23.49
CA LYS A 170 6.14 -44.05 -24.90
C LYS A 170 6.11 -42.72 -25.62
N ARG A 171 5.19 -41.85 -25.21
CA ARG A 171 5.17 -40.46 -25.68
C ARG A 171 5.20 -39.44 -24.56
N ILE A 172 6.16 -38.53 -24.64
CA ILE A 172 6.27 -37.42 -23.70
C ILE A 172 5.33 -36.33 -24.14
N VAL A 173 4.34 -36.04 -23.32
CA VAL A 173 3.36 -35.01 -23.67
C VAL A 173 3.36 -33.87 -22.65
N LYS A 174 3.05 -32.67 -23.12
CA LYS A 174 2.99 -31.50 -22.25
C LYS A 174 1.54 -31.16 -21.94
N ILE A 175 1.28 -30.79 -20.70
CA ILE A 175 -0.08 -30.49 -20.25
C ILE A 175 -0.11 -29.21 -19.42
N PRO A 176 -0.83 -28.18 -19.90
CA PRO A 176 -0.92 -26.91 -19.16
C PRO A 176 -1.99 -26.96 -18.07
N TYR A 177 -1.68 -26.45 -16.89
CA TYR A 177 -2.64 -26.42 -15.79
C TYR A 177 -2.74 -25.05 -15.16
N ILE A 178 -3.87 -24.78 -14.54
CA ILE A 178 -3.95 -23.77 -13.52
C ILE A 178 -4.27 -24.51 -12.21
N ALA A 179 -3.64 -24.10 -11.11
CA ALA A 179 -3.92 -24.68 -9.80
C ALA A 179 -4.31 -23.60 -8.83
N GLN A 180 -5.09 -23.97 -7.81
CA GLN A 180 -5.61 -23.04 -6.82
C GLN A 180 -5.32 -23.58 -5.44
N MET A 181 -5.19 -22.66 -4.48
CA MET A 181 -5.02 -23.02 -3.08
C MET A 181 -5.44 -21.80 -2.30
N CYS A 182 -5.72 -21.99 -1.01
CA CYS A 182 -6.10 -20.88 -0.16
C CYS A 182 -4.90 -20.10 0.38
N LEU A 183 -4.90 -18.80 0.14
CA LEU A 183 -3.82 -17.97 0.65
C LEU A 183 -3.54 -18.20 2.14
N ASN A 184 -4.60 -18.35 2.94
CA ASN A 184 -4.44 -18.47 4.39
C ASN A 184 -4.53 -19.91 4.91
N ASP A 185 -4.37 -20.86 4.00
CA ASP A 185 -4.32 -22.28 4.32
C ASP A 185 -3.50 -22.54 5.59
N GLU A 186 -4.05 -23.33 6.52
CA GLU A 186 -3.34 -23.61 7.76
C GLU A 186 -2.55 -24.92 7.71
N GLY A 187 -2.65 -25.63 6.59
CA GLY A 187 -1.88 -26.84 6.40
C GLY A 187 -2.60 -28.10 6.83
N GLY A 188 -1.87 -29.21 6.86
CA GLY A 188 -2.47 -30.52 7.05
C GLY A 188 -2.99 -30.75 8.45
N PRO A 189 -3.75 -31.85 8.63
CA PRO A 189 -4.46 -32.21 9.87
C PRO A 189 -3.61 -32.92 10.91
N SER A 190 -2.34 -33.21 10.60
CA SER A 190 -1.47 -33.85 11.59
C SER A 190 -0.09 -33.21 11.58
N SER A 191 0.66 -33.38 12.65
CA SER A 191 1.96 -32.74 12.76
C SER A 191 2.82 -33.04 11.54
N LEU A 192 2.73 -34.27 11.05
CA LEU A 192 3.51 -34.70 9.90
C LEU A 192 3.12 -33.99 8.59
N SER A 193 1.86 -33.61 8.47
CA SER A 193 1.33 -32.99 7.26
C SER A 193 0.99 -31.51 7.50
N SER A 194 1.34 -31.01 8.68
CA SER A 194 0.93 -29.67 9.08
C SER A 194 1.52 -28.54 8.24
N HIS A 195 2.64 -28.79 7.56
CA HIS A 195 3.22 -27.76 6.69
C HIS A 195 3.01 -28.02 5.19
N ARG A 196 2.06 -28.90 4.88
CA ARG A 196 1.67 -29.10 3.49
C ARG A 196 0.37 -28.39 3.19
N TRP A 197 0.30 -27.80 1.99
CA TRP A 197 -0.94 -27.20 1.53
C TRP A 197 -2.05 -28.23 1.71
N SER A 198 -3.25 -27.77 2.05
CA SER A 198 -4.37 -28.67 2.30
C SER A 198 -5.52 -28.37 1.35
N THR A 199 -5.29 -27.42 0.43
CA THR A 199 -6.33 -26.92 -0.47
C THR A 199 -5.92 -26.90 -1.94
N PHE A 200 -4.82 -27.58 -2.28
CA PHE A 200 -4.28 -27.60 -3.64
C PHE A 200 -5.12 -28.46 -4.60
N LEU A 201 -5.66 -27.81 -5.62
CA LEU A 201 -6.33 -28.48 -6.74
C LEU A 201 -5.83 -27.89 -8.05
N LYS A 202 -5.77 -28.71 -9.10
CA LYS A 202 -5.37 -28.23 -10.41
C LYS A 202 -6.35 -28.68 -11.47
N VAL A 203 -6.48 -27.88 -12.52
CA VAL A 203 -7.34 -28.25 -13.63
C VAL A 203 -6.61 -27.94 -14.93
N GLU A 204 -6.76 -28.84 -15.88
CA GLU A 204 -6.16 -28.70 -17.20
C GLU A 204 -6.71 -27.50 -17.95
N LEU A 205 -5.84 -26.80 -18.67
CA LEU A 205 -6.28 -25.74 -19.57
C LEU A 205 -6.30 -26.26 -21.01
N GLU A 206 -7.18 -25.71 -21.83
CA GLU A 206 -7.18 -26.06 -23.25
C GLU A 206 -6.97 -24.82 -24.10
N CYS A 207 -6.18 -24.96 -25.16
CA CYS A 207 -5.96 -23.86 -26.09
C CYS A 207 -5.69 -24.51 -27.44
N ASP A 208 -6.77 -24.83 -28.15
CA ASP A 208 -6.69 -25.57 -29.41
C ASP A 208 -7.29 -24.76 -30.54
N ILE A 209 -6.81 -25.03 -31.75
CA ILE A 209 -7.46 -24.53 -32.95
C ILE A 209 -7.04 -25.36 -34.15
N ASP A 210 -8.03 -25.84 -34.88
CA ASP A 210 -7.82 -26.56 -36.13
C ASP A 210 -6.76 -27.65 -36.03
N GLY A 211 -6.77 -28.38 -34.92
CA GLY A 211 -5.84 -29.48 -34.76
C GLY A 211 -4.57 -29.11 -34.02
N ARG A 212 -4.25 -27.82 -33.99
CA ARG A 212 -3.11 -27.33 -33.22
C ARG A 212 -3.53 -27.28 -31.75
N SER A 213 -2.74 -27.92 -30.89
CA SER A 213 -3.08 -27.96 -29.45
C SER A 213 -1.92 -27.41 -28.61
N TYR A 214 -2.07 -26.19 -28.12
CA TYR A 214 -0.96 -25.51 -27.43
C TYR A 214 -0.79 -25.94 -25.99
N ARG A 215 0.45 -26.25 -25.59
CA ARG A 215 0.70 -26.86 -24.29
C ARG A 215 1.69 -26.11 -23.40
N GLN A 216 2.70 -25.50 -24.00
CA GLN A 216 3.74 -24.87 -23.20
C GLN A 216 3.35 -23.43 -22.88
N ILE A 217 3.13 -23.16 -21.60
CA ILE A 217 2.81 -21.81 -21.18
C ILE A 217 4.08 -20.95 -21.15
N ILE A 218 3.98 -19.75 -21.71
CA ILE A 218 5.11 -18.83 -21.73
C ILE A 218 5.00 -17.85 -20.57
N HIS A 219 3.82 -17.26 -20.45
CA HIS A 219 3.61 -16.12 -19.58
C HIS A 219 2.11 -15.90 -19.46
N SER A 220 1.70 -15.23 -18.39
CA SER A 220 0.28 -14.96 -18.18
C SER A 220 0.08 -13.70 -17.34
N ARG A 221 -1.12 -13.15 -17.43
CA ARG A 221 -1.56 -12.11 -16.50
C ARG A 221 -3.07 -12.07 -16.54
N THR A 222 -3.66 -11.26 -15.66
CA THR A 222 -5.10 -11.14 -15.54
C THR A 222 -5.52 -9.71 -15.78
N ILE A 223 -6.78 -9.54 -16.11
CA ILE A 223 -7.38 -8.23 -16.33
C ILE A 223 -8.74 -8.24 -15.65
N LYS A 224 -9.03 -7.23 -14.84
CA LYS A 224 -10.34 -7.15 -14.19
C LYS A 224 -11.38 -6.56 -15.15
N THR A 225 -12.56 -7.16 -15.18
CA THR A 225 -13.67 -6.60 -15.92
C THR A 225 -14.79 -6.30 -14.93
N ASP A 226 -15.90 -5.76 -15.43
CA ASP A 226 -17.03 -5.39 -14.56
C ASP A 226 -17.52 -6.56 -13.70
N ASN A 227 -17.54 -7.76 -14.27
CA ASN A 227 -18.10 -8.91 -13.57
C ASN A 227 -17.21 -10.14 -13.49
N ASP A 228 -15.95 -9.99 -13.86
CA ASP A 228 -15.09 -11.16 -13.98
C ASP A 228 -13.64 -10.75 -13.88
N THR A 229 -12.76 -11.74 -13.87
CA THR A 229 -11.35 -11.51 -14.12
C THR A 229 -10.97 -12.39 -15.27
N ILE A 230 -10.36 -11.79 -16.30
CA ILE A 230 -9.95 -12.54 -17.48
C ILE A 230 -8.46 -12.89 -17.39
N LEU A 231 -8.18 -14.17 -17.50
CA LEU A 231 -6.82 -14.70 -17.44
C LEU A 231 -6.24 -14.78 -18.85
N TYR A 232 -5.16 -14.06 -19.11
CA TYR A 232 -4.48 -14.15 -20.41
C TYR A 232 -3.27 -15.09 -20.36
N VAL A 233 -3.26 -16.08 -21.24
CA VAL A 233 -2.19 -17.07 -21.23
C VAL A 233 -1.58 -17.19 -22.63
N PHE A 234 -0.29 -16.90 -22.74
CA PHE A 234 0.43 -17.05 -24.01
C PHE A 234 1.13 -18.40 -24.02
N PHE A 235 0.89 -19.19 -25.05
CA PHE A 235 1.51 -20.50 -25.24
C PHE A 235 2.54 -20.48 -26.35
N ASP A 236 3.56 -21.33 -26.22
CA ASP A 236 4.53 -21.52 -27.28
C ASP A 236 4.25 -22.87 -27.95
N SER A 237 4.95 -23.13 -29.05
CA SER A 237 4.95 -24.47 -29.62
C SER A 237 6.33 -24.72 -30.22
N PRO A 238 6.69 -26.00 -30.39
CA PRO A 238 7.92 -26.40 -31.07
C PRO A 238 7.79 -26.22 -32.57
N TYR A 239 6.62 -25.81 -33.03
CA TYR A 239 6.39 -25.54 -34.45
C TYR A 239 6.64 -24.07 -34.75
N SER A 240 6.03 -23.53 -35.78
CA SER A 240 6.34 -22.14 -36.11
C SER A 240 5.37 -21.12 -35.48
N LYS A 241 4.52 -21.57 -34.55
CA LYS A 241 3.46 -20.73 -34.02
C LYS A 241 3.41 -20.65 -32.49
N SER A 242 2.88 -19.53 -32.02
CA SER A 242 2.50 -19.34 -30.63
C SER A 242 1.01 -19.04 -30.61
N ALA A 243 0.42 -18.93 -29.42
CA ALA A 243 -1.00 -18.66 -29.35
C ALA A 243 -1.35 -18.00 -28.04
N LEU A 244 -2.25 -17.03 -28.11
CA LEU A 244 -2.78 -16.39 -26.92
C LEU A 244 -4.25 -16.79 -26.71
N CYS A 245 -4.54 -17.43 -25.57
CA CYS A 245 -5.90 -17.78 -25.19
C CYS A 245 -6.29 -17.01 -23.92
N THR A 246 -7.58 -16.73 -23.77
CA THR A 246 -8.11 -16.07 -22.58
C THR A 246 -9.08 -17.00 -21.86
N TYR A 247 -9.22 -16.86 -20.55
CA TYR A 247 -10.13 -17.69 -19.78
C TYR A 247 -10.91 -16.85 -18.77
N SER A 248 -12.12 -17.30 -18.45
CA SER A 248 -12.92 -16.67 -17.42
C SER A 248 -12.55 -17.25 -16.08
N MET A 249 -12.10 -16.40 -15.15
CA MET A 249 -11.80 -16.89 -13.80
C MET A 249 -13.09 -17.37 -13.12
N ASN A 250 -14.21 -16.73 -13.42
CA ASN A 250 -15.50 -17.20 -12.90
C ASN A 250 -15.73 -18.65 -13.32
N THR A 251 -15.54 -18.91 -14.61
CA THR A 251 -15.64 -20.27 -15.12
C THR A 251 -14.66 -21.17 -14.38
N ILE A 252 -13.42 -20.70 -14.24
CA ILE A 252 -12.41 -21.52 -13.56
C ILE A 252 -12.79 -21.76 -12.10
N LYS A 253 -13.21 -20.72 -11.39
CA LYS A 253 -13.61 -20.86 -9.99
C LYS A 253 -14.81 -21.81 -9.84
N GLN A 254 -15.77 -21.73 -10.76
CA GLN A 254 -16.91 -22.64 -10.77
C GLN A 254 -16.45 -24.10 -10.89
N SER A 255 -15.50 -24.33 -11.78
CA SER A 255 -14.99 -25.68 -12.01
C SER A 255 -14.35 -26.24 -10.73
N PHE A 256 -13.53 -25.44 -10.06
CA PHE A 256 -12.92 -25.90 -8.82
C PHE A 256 -14.02 -26.12 -7.77
N SER A 257 -15.10 -25.35 -7.87
CA SER A 257 -16.19 -25.43 -6.91
C SER A 257 -17.09 -26.65 -7.10
N THR A 258 -17.28 -27.05 -8.36
CA THR A 258 -18.34 -28.02 -8.69
C THR A 258 -17.90 -29.28 -9.44
N SER A 259 -16.69 -29.29 -10.01
CA SER A 259 -16.22 -30.50 -10.70
C SER A 259 -15.90 -31.62 -9.71
N LYS A 260 -16.02 -32.86 -10.18
CA LYS A 260 -15.56 -34.00 -9.41
C LYS A 260 -14.06 -34.14 -9.60
N LEU A 261 -13.45 -34.98 -8.78
CA LEU A 261 -12.01 -35.23 -8.84
C LEU A 261 -11.74 -36.48 -9.67
N GLU A 262 -10.88 -36.35 -10.67
CA GLU A 262 -10.51 -37.48 -11.52
C GLU A 262 -10.13 -38.68 -10.68
N GLY A 263 -10.77 -39.82 -10.94
CA GLY A 263 -10.39 -41.07 -10.30
C GLY A 263 -11.05 -41.33 -8.95
N TYR A 264 -11.86 -40.37 -8.49
CA TYR A 264 -12.57 -40.53 -7.22
C TYR A 264 -14.06 -40.47 -7.52
N THR A 265 -14.78 -41.55 -7.19
CA THR A 265 -16.19 -41.64 -7.56
C THR A 265 -17.17 -41.60 -6.38
N LYS A 266 -16.66 -41.81 -5.16
CA LYS A 266 -17.49 -41.62 -3.97
C LYS A 266 -17.83 -40.16 -3.78
N GLN A 267 -18.94 -39.91 -3.09
CA GLN A 267 -19.38 -38.56 -2.77
C GLN A 267 -18.22 -37.83 -2.09
N LEU A 268 -17.93 -36.62 -2.54
CA LEU A 268 -16.81 -35.86 -1.99
C LEU A 268 -17.03 -35.60 -0.51
N PRO A 269 -15.94 -35.56 0.26
CA PRO A 269 -16.07 -35.28 1.69
C PRO A 269 -16.69 -33.91 1.91
N SER A 270 -17.03 -33.62 3.15
CA SER A 270 -17.53 -32.30 3.52
C SER A 270 -16.92 -31.90 4.85
N PRO A 271 -16.39 -30.66 4.93
CA PRO A 271 -16.35 -29.69 3.84
C PRO A 271 -15.51 -30.17 2.65
N ALA A 272 -15.76 -29.61 1.47
CA ALA A 272 -15.19 -30.13 0.24
C ALA A 272 -13.70 -29.83 0.06
N PRO A 273 -13.01 -30.66 -0.72
CA PRO A 273 -11.60 -30.38 -1.02
C PRO A 273 -11.47 -29.05 -1.77
N GLY A 274 -10.48 -28.25 -1.39
CA GLY A 274 -10.18 -27.05 -2.16
C GLY A 274 -10.82 -25.75 -1.68
N ILE A 275 -11.80 -25.82 -0.78
CA ILE A 275 -12.40 -24.58 -0.29
C ILE A 275 -11.59 -24.03 0.87
N CYS A 276 -11.70 -22.73 1.10
CA CYS A 276 -10.97 -22.09 2.19
C CYS A 276 -11.78 -22.22 3.48
N LEU A 277 -11.10 -22.43 4.61
CA LEU A 277 -11.77 -22.56 5.88
C LEU A 277 -11.40 -21.40 6.79
N PRO A 278 -12.35 -20.97 7.64
CA PRO A 278 -12.09 -19.84 8.55
C PRO A 278 -10.85 -20.10 9.38
N ALA A 279 -10.12 -19.05 9.73
CA ALA A 279 -8.95 -19.18 10.56
C ALA A 279 -9.35 -19.95 11.81
N GLY A 280 -8.51 -20.90 12.22
CA GLY A 280 -8.82 -21.72 13.38
C GLY A 280 -9.53 -23.00 13.01
N LYS A 281 -10.03 -23.08 11.79
CA LYS A 281 -10.65 -24.32 11.33
C LYS A 281 -9.66 -25.13 10.48
N VAL A 282 -9.41 -26.37 10.90
CA VAL A 282 -8.47 -27.20 10.16
C VAL A 282 -9.19 -28.17 9.25
N VAL A 283 -8.52 -28.51 8.15
CA VAL A 283 -9.06 -29.44 7.18
C VAL A 283 -9.32 -30.76 7.91
N SER A 284 -10.36 -31.48 7.52
CA SER A 284 -10.63 -32.77 8.15
C SER A 284 -9.70 -33.84 7.59
N HIS A 285 -9.49 -34.91 8.35
CA HIS A 285 -8.62 -35.99 7.91
C HIS A 285 -9.08 -36.58 6.58
N THR A 286 -10.39 -36.71 6.41
CA THR A 286 -10.90 -37.36 5.21
C THR A 286 -10.71 -36.48 3.97
N THR A 287 -11.02 -35.20 4.11
CA THR A 287 -10.84 -34.25 3.02
C THR A 287 -9.39 -34.16 2.61
N PHE A 288 -8.50 -34.07 3.59
CA PHE A 288 -7.07 -33.97 3.29
C PHE A 288 -6.55 -35.22 2.57
N GLU A 289 -6.96 -36.39 3.04
CA GLU A 289 -6.53 -37.64 2.42
C GLU A 289 -6.99 -37.72 0.98
N VAL A 290 -8.24 -37.36 0.74
CA VAL A 290 -8.76 -37.33 -0.61
C VAL A 290 -8.01 -36.31 -1.49
N ILE A 291 -7.86 -35.07 -1.00
CA ILE A 291 -7.24 -34.02 -1.82
C ILE A 291 -5.77 -34.33 -2.13
N GLU A 292 -5.04 -34.86 -1.15
CA GLU A 292 -3.66 -35.27 -1.37
C GLU A 292 -3.58 -36.27 -2.50
N LYS A 293 -4.53 -37.20 -2.52
CA LYS A 293 -4.49 -38.34 -3.43
C LYS A 293 -5.09 -38.00 -4.78
N TYR A 294 -6.12 -37.16 -4.79
CA TYR A 294 -6.84 -36.81 -6.00
C TYR A 294 -6.89 -35.31 -6.21
N ASN A 295 -5.78 -34.72 -6.65
CA ASN A 295 -5.69 -33.26 -6.71
C ASN A 295 -6.10 -32.66 -8.06
N VAL A 296 -6.55 -33.51 -8.97
CA VAL A 296 -6.89 -33.09 -10.33
C VAL A 296 -8.39 -33.12 -10.57
N LEU A 297 -8.95 -32.03 -11.10
CA LEU A 297 -10.36 -32.03 -11.41
C LEU A 297 -10.64 -32.85 -12.66
N ASP A 298 -11.74 -33.59 -12.64
CA ASP A 298 -12.23 -34.23 -13.86
C ASP A 298 -12.94 -33.14 -14.68
N ASP A 299 -12.13 -32.34 -15.37
CA ASP A 299 -12.62 -31.28 -16.25
C ASP A 299 -11.43 -30.76 -17.05
N ILE A 300 -11.72 -29.94 -18.04
CA ILE A 300 -10.67 -29.20 -18.73
C ILE A 300 -11.31 -27.87 -19.09
N ILE A 301 -10.56 -26.78 -18.89
CA ILE A 301 -11.11 -25.44 -19.06
C ILE A 301 -10.97 -24.99 -20.50
N LYS A 302 -12.09 -24.58 -21.10
CA LYS A 302 -12.08 -24.10 -22.49
C LYS A 302 -11.90 -22.60 -22.50
N PRO A 303 -11.11 -22.11 -23.46
CA PRO A 303 -10.87 -20.67 -23.55
C PRO A 303 -12.09 -19.94 -24.07
N LEU A 304 -12.16 -18.64 -23.82
CA LEU A 304 -13.23 -17.81 -24.34
C LEU A 304 -13.19 -17.83 -25.87
N SER A 305 -14.35 -18.01 -26.50
CA SER A 305 -14.46 -18.18 -27.96
C SER A 305 -14.05 -19.59 -28.42
N ASN A 306 -13.68 -20.44 -27.48
CA ASN A 306 -13.19 -21.78 -27.77
C ASN A 306 -11.94 -21.91 -28.66
N GLN A 307 -11.25 -20.80 -28.91
CA GLN A 307 -9.96 -20.84 -29.59
C GLN A 307 -9.09 -19.65 -29.21
N PRO A 308 -7.79 -19.67 -29.60
CA PRO A 308 -6.92 -18.54 -29.25
C PRO A 308 -7.50 -17.24 -29.76
N ILE A 309 -7.36 -16.18 -28.97
CA ILE A 309 -7.68 -14.84 -29.49
C ILE A 309 -6.84 -14.56 -30.73
N PHE A 310 -5.61 -15.08 -30.74
CA PHE A 310 -4.79 -15.02 -31.94
C PHE A 310 -3.58 -15.95 -31.85
N GLU A 311 -3.01 -16.24 -33.01
CA GLU A 311 -1.76 -16.98 -33.10
C GLU A 311 -0.65 -16.08 -33.60
N GLY A 312 0.56 -16.28 -33.09
CA GLY A 312 1.68 -15.49 -33.52
C GLY A 312 2.85 -16.39 -33.85
N PRO A 313 4.06 -15.81 -33.94
CA PRO A 313 5.23 -16.62 -34.23
C PRO A 313 5.63 -17.36 -32.98
N SER A 314 6.23 -18.54 -33.11
CA SER A 314 6.79 -19.23 -31.96
C SER A 314 7.93 -18.38 -31.35
N GLY A 315 8.28 -18.66 -30.09
CA GLY A 315 9.39 -17.97 -29.46
C GLY A 315 9.07 -16.62 -28.82
N VAL A 316 7.79 -16.33 -28.66
CA VAL A 316 7.35 -15.16 -27.93
C VAL A 316 7.84 -15.28 -26.49
N LYS A 317 8.38 -14.20 -25.93
CA LYS A 317 9.00 -14.25 -24.60
C LYS A 317 8.14 -13.68 -23.48
N TRP A 318 7.21 -12.81 -23.84
CA TRP A 318 6.50 -12.01 -22.87
C TRP A 318 5.39 -11.28 -23.58
N PHE A 319 4.39 -10.86 -22.82
CA PHE A 319 3.37 -9.97 -23.35
C PHE A 319 2.79 -9.13 -22.22
N ASP A 320 2.14 -8.03 -22.58
CA ASP A 320 1.41 -7.24 -21.60
C ASP A 320 0.23 -6.57 -22.28
N ILE A 321 -0.60 -5.91 -21.49
CA ILE A 321 -1.85 -5.37 -21.99
C ILE A 321 -2.10 -3.93 -21.57
N LYS A 322 -2.67 -3.14 -22.49
CA LYS A 322 -3.08 -1.77 -22.19
C LYS A 322 -4.48 -1.52 -22.75
N GLU A 323 -5.44 -1.25 -21.87
CA GLU A 323 -6.83 -1.00 -22.29
C GLU A 323 -6.94 0.27 -23.12
N LYS A 324 -7.69 0.19 -24.21
CA LYS A 324 -7.75 1.31 -25.17
C LYS A 324 -8.51 2.52 -24.63
N GLU A 325 -7.96 3.70 -24.89
CA GLU A 325 -8.47 4.96 -24.36
C GLU A 325 -9.99 5.14 -24.41
N ASN A 326 -10.57 5.05 -25.60
CA ASN A 326 -12.01 5.28 -25.75
C ASN A 326 -12.83 4.01 -25.95
N GLU A 327 -12.22 2.98 -26.51
CA GLU A 327 -12.89 1.69 -26.65
C GLU A 327 -12.69 0.85 -25.40
N HIS A 328 -13.61 0.97 -24.45
CA HIS A 328 -13.50 0.21 -23.21
C HIS A 328 -13.83 -1.27 -23.42
N ARG A 329 -13.14 -2.12 -22.68
CA ARG A 329 -13.21 -3.57 -22.91
C ARG A 329 -12.54 -3.92 -24.23
N GLU A 330 -11.83 -2.95 -24.81
CA GLU A 330 -10.90 -3.25 -25.90
C GLU A 330 -9.47 -3.01 -25.41
N TYR A 331 -8.51 -3.65 -26.07
CA TYR A 331 -7.14 -3.59 -25.59
C TYR A 331 -6.14 -3.59 -26.73
N ARG A 332 -4.94 -3.11 -26.43
CA ARG A 332 -3.78 -3.37 -27.24
C ARG A 332 -2.94 -4.36 -26.47
N ILE A 333 -2.53 -5.41 -27.16
CA ILE A 333 -1.73 -6.46 -26.54
C ILE A 333 -0.34 -6.44 -27.17
N TYR A 334 0.66 -6.11 -26.35
CA TYR A 334 2.04 -6.07 -26.80
C TYR A 334 2.69 -7.39 -26.49
N PHE A 335 3.44 -7.93 -27.45
CA PHE A 335 4.22 -9.12 -27.19
C PHE A 335 5.55 -9.08 -27.93
N ILE A 336 6.52 -9.84 -27.44
CA ILE A 336 7.87 -9.74 -27.97
C ILE A 336 8.50 -11.08 -28.31
N LYS A 337 9.44 -11.04 -29.24
CA LYS A 337 10.41 -12.09 -29.42
C LYS A 337 11.78 -11.49 -29.12
N GLU A 338 12.84 -12.28 -29.22
CA GLU A 338 14.18 -11.79 -28.90
C GLU A 338 14.48 -10.44 -29.56
N ASN A 339 14.17 -10.31 -30.84
CA ASN A 339 14.51 -9.10 -31.59
C ASN A 339 13.36 -8.51 -32.37
N SER A 340 12.15 -8.65 -31.85
CA SER A 340 11.00 -8.07 -32.50
C SER A 340 9.86 -7.75 -31.53
N ILE A 341 9.13 -6.70 -31.88
CA ILE A 341 8.03 -6.21 -31.07
C ILE A 341 6.74 -6.33 -31.88
N TYR A 342 5.67 -6.77 -31.21
CA TYR A 342 4.37 -6.96 -31.84
C TYR A 342 3.27 -6.31 -31.01
N SER A 343 2.19 -5.90 -31.66
CA SER A 343 1.01 -5.43 -30.97
C SER A 343 -0.22 -5.98 -31.68
N PHE A 344 -1.20 -6.38 -30.88
CA PHE A 344 -2.48 -6.87 -31.40
C PHE A 344 -3.60 -5.99 -30.85
N ASP A 345 -4.41 -5.45 -31.75
CA ASP A 345 -5.59 -4.68 -31.36
C ASP A 345 -6.75 -5.65 -31.27
N THR A 346 -7.41 -5.71 -30.12
CA THR A 346 -8.48 -6.71 -29.93
C THR A 346 -9.76 -6.35 -30.71
N LYS A 347 -9.92 -5.07 -31.04
CA LYS A 347 -11.10 -4.64 -31.79
C LYS A 347 -10.94 -4.90 -33.28
N SER A 348 -9.90 -4.32 -33.86
CA SER A 348 -9.60 -4.47 -35.28
C SER A 348 -9.08 -5.87 -35.60
N LYS A 349 -8.42 -6.48 -34.62
CA LYS A 349 -7.78 -7.78 -34.81
C LYS A 349 -6.57 -7.71 -35.74
N GLN A 350 -6.03 -6.50 -35.91
CA GLN A 350 -4.81 -6.29 -36.67
C GLN A 350 -3.56 -6.45 -35.81
N THR A 351 -2.56 -7.12 -36.35
CA THR A 351 -1.27 -7.25 -35.70
C THR A 351 -0.23 -6.40 -36.41
N ARG A 352 0.53 -5.62 -35.65
CA ARG A 352 1.66 -4.87 -36.19
C ARG A 352 2.96 -5.36 -35.59
N SER A 353 4.07 -5.13 -36.29
CA SER A 353 5.35 -5.64 -35.83
C SER A 353 6.51 -4.76 -36.26
N SER A 354 7.61 -4.87 -35.54
CA SER A 354 8.84 -4.22 -35.95
C SER A 354 10.04 -4.98 -35.39
N GLN A 355 11.13 -4.94 -36.14
CA GLN A 355 12.35 -5.62 -35.77
C GLN A 355 13.25 -4.63 -35.08
N VAL A 356 13.97 -5.07 -34.06
CA VAL A 356 14.85 -4.16 -33.33
C VAL A 356 16.20 -4.82 -33.10
N ASP A 357 17.24 -4.00 -32.93
CA ASP A 357 18.57 -4.51 -32.63
C ASP A 357 18.64 -5.00 -31.18
N ALA A 358 17.84 -4.38 -30.32
CA ALA A 358 17.82 -4.70 -28.90
C ALA A 358 17.46 -6.17 -28.69
N ARG A 359 18.09 -6.82 -27.72
CA ARG A 359 17.66 -8.15 -27.32
C ARG A 359 16.67 -8.00 -26.16
N LEU A 360 15.41 -8.29 -26.46
CA LEU A 360 14.29 -7.98 -25.58
C LEU A 360 14.03 -9.07 -24.56
N PHE A 361 13.82 -8.66 -23.31
CA PHE A 361 13.53 -9.59 -22.24
C PHE A 361 12.05 -9.61 -21.89
N SER A 362 11.45 -8.43 -21.80
CA SER A 362 10.03 -8.35 -21.40
C SER A 362 9.44 -7.04 -21.87
N VAL A 363 8.12 -6.94 -21.80
CA VAL A 363 7.45 -5.67 -22.02
C VAL A 363 6.49 -5.44 -20.87
N MET A 364 6.60 -4.29 -20.22
CA MET A 364 5.71 -3.99 -19.10
C MET A 364 5.10 -2.61 -19.24
N VAL A 365 3.79 -2.55 -19.14
CA VAL A 365 3.05 -1.33 -19.38
C VAL A 365 2.80 -0.59 -18.07
N THR A 366 3.21 0.68 -18.03
CA THR A 366 2.85 1.58 -16.94
C THR A 366 1.79 2.51 -17.50
N SER A 367 2.17 3.73 -17.84
CA SER A 367 1.27 4.61 -18.58
C SER A 367 1.56 4.43 -20.06
N LYS A 368 2.65 3.72 -20.35
CA LYS A 368 3.07 3.39 -21.70
C LYS A 368 3.77 2.04 -21.66
N PRO A 369 3.98 1.42 -22.84
CA PRO A 369 4.75 0.18 -22.90
C PRO A 369 6.23 0.44 -22.63
N LEU A 370 6.80 -0.31 -21.71
CA LEU A 370 8.25 -0.24 -21.48
C LEU A 370 8.84 -1.52 -21.98
N PHE A 371 9.88 -1.40 -22.81
CA PHE A 371 10.55 -2.58 -23.34
C PHE A 371 11.90 -2.70 -22.66
N ILE A 372 12.09 -3.79 -21.91
CA ILE A 372 13.36 -4.00 -21.25
C ILE A 372 14.26 -4.91 -22.09
N ALA A 373 15.49 -4.47 -22.32
CA ALA A 373 16.38 -5.13 -23.27
C ALA A 373 17.79 -5.17 -22.71
N ASP A 374 18.66 -5.90 -23.39
CA ASP A 374 20.08 -5.91 -23.03
C ASP A 374 20.66 -4.50 -23.01
N ILE A 375 20.17 -3.64 -23.91
CA ILE A 375 20.74 -2.29 -24.03
C ILE A 375 20.15 -1.26 -23.06
N GLY A 376 19.02 -1.59 -22.43
CA GLY A 376 18.41 -0.66 -21.49
C GLY A 376 16.88 -0.65 -21.52
N ILE A 377 16.29 0.46 -21.09
CA ILE A 377 14.84 0.58 -20.97
C ILE A 377 14.27 1.41 -22.11
N GLY A 378 13.39 0.83 -22.91
CA GLY A 378 12.83 1.55 -24.05
C GLY A 378 11.40 2.01 -23.79
N VAL A 379 11.16 3.30 -23.94
CA VAL A 379 9.84 3.87 -23.68
C VAL A 379 9.06 4.13 -24.97
N GLY A 380 7.87 3.54 -25.10
CA GLY A 380 7.00 3.81 -26.22
C GLY A 380 7.14 2.82 -27.37
N MET A 381 6.14 2.78 -28.24
CA MET A 381 6.15 1.88 -29.40
C MET A 381 7.12 2.35 -30.48
N PRO A 382 7.63 1.41 -31.29
CA PRO A 382 8.52 1.72 -32.40
C PRO A 382 7.76 1.75 -33.72
N GLN A 383 8.00 0.70 -34.51
CA GLN A 383 7.44 0.53 -35.86
C GLN A 383 8.51 0.84 -36.90
N ILE B 2 5.67 33.10 -5.04
CA ILE B 2 6.30 34.00 -6.00
C ILE B 2 5.78 33.78 -7.42
N GLU B 3 5.72 32.53 -7.88
CA GLU B 3 5.03 32.23 -9.12
C GLU B 3 3.62 31.65 -8.87
N TRP B 4 2.60 32.47 -9.11
CA TRP B 4 1.22 32.08 -8.82
C TRP B 4 0.53 31.40 -9.98
N HIS B 5 -0.02 30.22 -9.69
CA HIS B 5 -0.87 29.52 -10.63
C HIS B 5 -2.30 29.71 -10.17
N LYS B 6 -2.99 30.64 -10.83
CA LYS B 6 -4.27 31.11 -10.35
C LYS B 6 -5.44 30.27 -10.82
N PHE B 7 -6.43 30.11 -9.95
CA PHE B 7 -7.71 29.54 -10.36
C PHE B 7 -8.35 30.54 -11.32
N GLU B 8 -9.22 30.07 -12.20
CA GLU B 8 -9.93 30.98 -13.09
C GLU B 8 -10.74 31.96 -12.26
N THR B 9 -11.35 31.46 -11.21
CA THR B 9 -12.11 32.31 -10.29
C THR B 9 -11.66 32.08 -8.85
N SER B 10 -11.58 33.16 -8.07
CA SER B 10 -11.16 33.04 -6.68
C SER B 10 -11.99 31.96 -5.96
N GLU B 11 -11.35 31.19 -5.10
CA GLU B 11 -11.99 30.05 -4.47
C GLU B 11 -12.02 30.21 -2.96
N GLU B 12 -12.90 29.46 -2.29
CA GLU B 12 -12.88 29.40 -0.84
C GLU B 12 -12.17 28.12 -0.44
N ILE B 13 -10.97 28.26 0.10
CA ILE B 13 -10.14 27.08 0.39
C ILE B 13 -10.67 26.39 1.63
N ILE B 14 -10.99 25.10 1.49
CA ILE B 14 -11.54 24.31 2.58
C ILE B 14 -10.48 23.38 3.18
N SER B 15 -9.70 22.76 2.31
CA SER B 15 -8.66 21.84 2.78
C SER B 15 -7.51 21.72 1.80
N THR B 16 -6.36 21.29 2.32
CA THR B 16 -5.19 21.03 1.48
C THR B 16 -4.46 19.80 2.03
N TYR B 17 -4.18 18.84 1.14
CA TYR B 17 -3.43 17.65 1.51
C TYR B 17 -2.39 17.35 0.45
N LEU B 18 -1.29 16.76 0.87
CA LEU B 18 -0.31 16.20 -0.05
C LEU B 18 -0.45 14.69 -0.09
N LEU B 19 -0.66 14.15 -1.29
CA LEU B 19 -0.65 12.71 -1.48
C LEU B 19 0.38 12.38 -2.56
N ASP B 20 1.41 11.62 -2.20
CA ASP B 20 2.50 11.33 -3.13
C ASP B 20 2.93 12.59 -3.87
N ASP B 21 3.13 13.68 -3.14
CA ASP B 21 3.65 14.93 -3.70
C ASP B 21 2.69 15.64 -4.64
N VAL B 22 1.46 15.15 -4.71
CA VAL B 22 0.40 15.84 -5.43
C VAL B 22 -0.41 16.66 -4.45
N LEU B 23 -0.52 17.96 -4.69
CA LEU B 23 -1.32 18.81 -3.81
C LEU B 23 -2.81 18.71 -4.16
N TYR B 24 -3.63 18.29 -3.19
CA TYR B 24 -5.08 18.29 -3.32
C TYR B 24 -5.69 19.47 -2.57
N THR B 25 -6.28 20.40 -3.31
CA THR B 25 -6.90 21.58 -2.72
C THR B 25 -8.42 21.53 -2.81
N GLY B 26 -9.08 21.29 -1.69
CA GLY B 26 -10.53 21.28 -1.65
C GLY B 26 -11.08 22.68 -1.47
N VAL B 27 -12.13 23.01 -2.24
CA VAL B 27 -12.76 24.30 -2.14
C VAL B 27 -14.27 24.11 -2.03
N ASN B 28 -15.05 25.17 -2.16
CA ASN B 28 -16.51 25.04 -2.17
C ASN B 28 -16.95 24.58 -3.54
N GLY B 29 -17.32 23.31 -3.65
CA GLY B 29 -17.85 22.77 -4.89
C GLY B 29 -16.87 22.16 -5.88
N ALA B 30 -15.60 22.05 -5.50
CA ALA B 30 -14.65 21.38 -6.37
C ALA B 30 -13.37 21.03 -5.64
N VAL B 31 -12.53 20.24 -6.29
CA VAL B 31 -11.21 19.95 -5.77
C VAL B 31 -10.17 20.10 -6.87
N TYR B 32 -9.05 20.74 -6.54
CA TYR B 32 -7.97 20.95 -7.49
C TYR B 32 -6.78 20.08 -7.13
N THR B 33 -6.17 19.54 -8.17
CA THR B 33 -4.93 18.77 -8.07
C THR B 33 -3.81 19.68 -8.59
N PHE B 34 -2.62 19.59 -8.02
CA PHE B 34 -1.48 20.36 -8.52
C PHE B 34 -0.20 19.56 -8.43
N SER B 35 0.38 19.27 -9.58
CA SER B 35 1.69 18.64 -9.69
C SER B 35 2.28 18.95 -11.06
N ASN B 36 3.59 18.88 -11.17
CA ASN B 36 4.26 19.26 -12.41
C ASN B 36 3.80 20.62 -12.92
N ASN B 37 3.66 21.58 -12.00
CA ASN B 37 3.27 22.94 -12.38
C ASN B 37 1.91 23.04 -13.06
N LYS B 38 1.13 21.96 -13.00
CA LYS B 38 -0.19 21.92 -13.66
C LYS B 38 -1.36 21.83 -12.68
N LEU B 39 -2.26 22.82 -12.76
CA LEU B 39 -3.53 22.80 -12.04
C LEU B 39 -4.55 21.96 -12.80
N ASN B 40 -5.31 21.16 -12.07
CA ASN B 40 -6.42 20.40 -12.66
C ASN B 40 -7.63 20.45 -11.73
N LYS B 41 -8.77 20.85 -12.26
CA LYS B 41 -9.96 21.01 -11.44
C LYS B 41 -10.95 19.88 -11.68
N THR B 42 -11.58 19.41 -10.61
CA THR B 42 -12.72 18.51 -10.72
C THR B 42 -13.93 19.15 -10.05
N GLY B 43 -14.95 19.46 -10.84
CA GLY B 43 -16.16 20.08 -10.34
C GLY B 43 -17.06 19.10 -9.63
N LEU B 44 -17.69 19.55 -8.55
CA LEU B 44 -18.58 18.70 -7.75
C LEU B 44 -19.90 19.43 -7.50
N THR B 45 -20.64 19.05 -6.45
CA THR B 45 -21.92 19.72 -6.17
C THR B 45 -21.69 21.08 -5.48
N ASN B 46 -22.77 21.79 -5.18
CA ASN B 46 -22.64 23.15 -4.64
C ASN B 46 -22.80 23.22 -3.13
N ASN B 47 -22.52 24.38 -2.55
CA ASN B 47 -22.54 24.51 -1.10
C ASN B 47 -21.99 23.20 -0.52
N ASN B 48 -20.96 22.68 -1.18
CA ASN B 48 -20.37 21.38 -0.92
C ASN B 48 -18.90 21.54 -0.58
N TYR B 49 -18.61 21.73 0.70
CA TYR B 49 -17.24 22.04 1.10
C TYR B 49 -16.35 20.78 1.16
N ILE B 50 -15.32 20.76 0.32
CA ILE B 50 -14.41 19.61 0.21
C ILE B 50 -13.35 19.63 1.30
N THR B 51 -13.60 18.88 2.37
CA THR B 51 -12.76 18.94 3.56
C THR B 51 -11.67 17.88 3.56
N THR B 52 -11.78 16.93 2.64
CA THR B 52 -11.08 15.67 2.77
C THR B 52 -10.56 15.10 1.46
N SER B 53 -9.26 14.87 1.39
CA SER B 53 -8.67 14.09 0.29
C SER B 53 -7.74 13.04 0.91
N ILE B 54 -8.10 11.76 0.76
CA ILE B 54 -7.32 10.69 1.38
C ILE B 54 -7.08 9.56 0.42
N LYS B 55 -5.98 8.84 0.66
CA LYS B 55 -5.56 7.72 -0.18
C LYS B 55 -6.31 6.45 0.21
N ASP B 62 -5.14 5.08 -5.38
CA ASP B 62 -6.28 5.89 -5.83
C ASP B 62 -6.74 6.83 -4.72
N THR B 63 -7.55 7.84 -5.07
CA THR B 63 -7.83 8.93 -4.15
C THR B 63 -9.30 9.18 -3.86
N LEU B 64 -9.65 9.26 -2.58
CA LEU B 64 -11.01 9.55 -2.17
C LEU B 64 -11.16 11.01 -1.76
N VAL B 65 -12.12 11.69 -2.37
CA VAL B 65 -12.44 13.08 -2.05
C VAL B 65 -13.83 13.16 -1.45
N CYS B 66 -13.99 13.86 -0.34
CA CYS B 66 -15.25 13.89 0.38
C CYS B 66 -15.64 15.31 0.75
N GLY B 67 -16.94 15.60 0.75
CA GLY B 67 -17.39 16.94 1.06
C GLY B 67 -18.71 16.98 1.81
N THR B 68 -19.05 18.14 2.35
CA THR B 68 -20.25 18.28 3.17
C THR B 68 -21.51 17.96 2.38
N ASN B 69 -21.45 18.20 1.07
CA ASN B 69 -22.54 17.91 0.18
C ASN B 69 -23.92 18.38 0.70
N ASN B 70 -24.01 19.67 1.01
CA ASN B 70 -25.27 20.30 1.37
C ASN B 70 -25.81 19.85 2.72
N GLY B 71 -24.98 19.13 3.47
CA GLY B 71 -25.40 18.59 4.75
C GLY B 71 -25.72 17.12 4.63
N ASN B 72 -25.06 16.46 3.69
CA ASN B 72 -25.28 15.04 3.48
C ASN B 72 -23.99 14.34 3.06
N PRO B 73 -23.02 14.23 3.99
CA PRO B 73 -21.63 13.81 3.73
C PRO B 73 -21.48 12.77 2.63
N LYS B 74 -20.59 13.05 1.68
CA LYS B 74 -20.46 12.19 0.51
C LYS B 74 -19.04 12.18 -0.04
N CYS B 75 -18.64 11.03 -0.59
CA CYS B 75 -17.32 10.86 -1.15
C CYS B 75 -17.38 10.50 -2.64
N TRP B 76 -16.34 10.92 -3.37
CA TRP B 76 -16.21 10.66 -4.80
C TRP B 76 -14.76 10.29 -5.08
N LYS B 77 -14.48 9.80 -6.29
CA LYS B 77 -13.10 9.62 -6.73
C LYS B 77 -12.63 10.92 -7.36
N ILE B 78 -11.32 11.05 -7.56
CA ILE B 78 -10.78 12.32 -8.00
C ILE B 78 -11.36 12.77 -9.33
N ASP B 79 -11.80 11.83 -10.15
CA ASP B 79 -12.38 12.16 -11.45
C ASP B 79 -13.86 12.56 -11.38
N GLY B 80 -14.42 12.54 -10.17
CA GLY B 80 -15.79 12.95 -9.97
C GLY B 80 -16.78 11.80 -9.97
N SER B 81 -16.31 10.62 -10.35
CA SER B 81 -17.16 9.43 -10.30
C SER B 81 -17.50 9.12 -8.84
N ASP B 82 -18.63 8.46 -8.64
CA ASP B 82 -19.11 8.21 -7.28
C ASP B 82 -18.27 7.18 -6.56
N ASP B 83 -18.22 7.29 -5.23
CA ASP B 83 -17.57 6.29 -4.42
C ASP B 83 -18.41 5.02 -4.42
N PRO B 84 -17.84 3.93 -4.96
CA PRO B 84 -18.50 2.62 -5.01
C PRO B 84 -18.84 2.09 -3.62
N LYS B 85 -18.00 2.41 -2.62
CA LYS B 85 -18.23 1.96 -1.25
C LYS B 85 -19.18 2.90 -0.50
N HIS B 86 -19.58 3.97 -1.18
CA HIS B 86 -20.57 4.90 -0.64
C HIS B 86 -20.18 5.52 0.69
N ARG B 87 -18.88 5.64 0.92
CA ARG B 87 -18.40 6.31 2.13
C ARG B 87 -18.94 7.73 2.23
N GLY B 88 -19.24 8.16 3.45
CA GLY B 88 -19.82 9.48 3.65
C GLY B 88 -19.70 9.97 5.08
N ARG B 89 -20.59 9.51 5.93
CA ARG B 89 -20.58 9.99 7.32
C ARG B 89 -19.21 9.69 7.90
N GLY B 90 -18.67 10.64 8.66
CA GLY B 90 -17.35 10.46 9.23
C GLY B 90 -16.21 10.87 8.31
N TYR B 91 -16.46 10.90 7.01
CA TYR B 91 -15.43 11.28 6.04
C TYR B 91 -15.48 12.76 5.68
N ALA B 92 -16.66 13.36 5.84
CA ALA B 92 -16.80 14.81 5.72
C ALA B 92 -17.82 15.27 6.75
N PRO B 93 -17.70 16.51 7.22
CA PRO B 93 -18.65 16.96 8.23
C PRO B 93 -19.99 17.35 7.60
N TYR B 94 -20.97 17.69 8.42
CA TYR B 94 -22.30 18.03 7.92
C TYR B 94 -22.37 19.48 7.45
N GLN B 95 -21.47 20.30 7.95
CA GLN B 95 -21.39 21.69 7.53
C GLN B 95 -19.91 22.07 7.45
N ASN B 96 -19.62 23.17 6.78
CA ASN B 96 -18.25 23.64 6.64
C ASN B 96 -17.54 23.81 7.99
N SER B 97 -16.46 23.06 8.18
CA SER B 97 -15.68 23.18 9.41
C SER B 97 -14.33 22.49 9.28
N LYS B 98 -13.45 22.74 10.25
CA LYS B 98 -12.15 22.11 10.31
C LYS B 98 -12.31 20.64 10.67
N VAL B 99 -11.58 19.76 9.99
CA VAL B 99 -11.63 18.35 10.30
C VAL B 99 -10.22 17.78 10.48
N THR B 100 -10.13 16.70 11.23
CA THR B 100 -8.91 15.92 11.28
C THR B 100 -9.24 14.51 10.86
N ILE B 101 -8.69 14.08 9.73
CA ILE B 101 -8.90 12.74 9.22
C ILE B 101 -7.64 12.27 8.52
N ILE B 102 -7.21 11.07 8.87
CA ILE B 102 -6.01 10.50 8.30
C ILE B 102 -6.30 9.06 7.91
N SER B 103 -5.49 8.51 7.01
CA SER B 103 -5.57 7.08 6.73
C SER B 103 -4.17 6.49 6.71
N TYR B 104 -4.08 5.24 7.14
CA TYR B 104 -2.81 4.54 7.19
C TYR B 104 -3.06 3.07 6.93
N ASN B 105 -2.46 2.54 5.86
CA ASN B 105 -2.68 1.15 5.47
C ASN B 105 -4.15 0.84 5.26
N GLU B 106 -4.90 1.81 4.73
CA GLU B 106 -6.32 1.61 4.46
C GLU B 106 -7.20 1.73 5.71
N CYS B 107 -6.58 1.94 6.86
CA CYS B 107 -7.35 2.21 8.06
C CYS B 107 -7.58 3.71 8.16
N VAL B 108 -8.82 4.09 8.40
CA VAL B 108 -9.16 5.51 8.47
C VAL B 108 -9.53 5.93 9.89
N LEU B 109 -9.00 7.07 10.31
CA LEU B 109 -9.32 7.63 11.61
C LEU B 109 -9.72 9.09 11.47
N SER B 110 -10.71 9.51 12.24
CA SER B 110 -11.33 10.81 12.00
C SER B 110 -11.99 11.34 13.25
N ASP B 111 -11.94 12.66 13.43
CA ASP B 111 -12.73 13.30 14.47
C ASP B 111 -14.02 13.88 13.88
N ILE B 112 -14.35 13.48 12.65
CA ILE B 112 -15.55 14.02 12.02
C ILE B 112 -16.84 13.44 12.64
N ASN B 113 -17.72 14.32 13.10
CA ASN B 113 -19.02 13.91 13.64
C ASN B 113 -19.76 12.97 12.69
N ILE B 114 -20.29 11.87 13.22
CA ILE B 114 -21.01 10.88 12.40
C ILE B 114 -22.52 11.04 12.46
N SER B 115 -22.97 12.11 13.11
CA SER B 115 -24.38 12.48 13.10
C SER B 115 -24.41 13.98 13.35
N LYS B 116 -25.43 14.65 12.84
CA LYS B 116 -25.51 16.10 13.01
C LYS B 116 -25.71 16.46 14.47
N GLU B 117 -24.94 17.44 14.94
CA GLU B 117 -25.02 17.88 16.34
C GLU B 117 -24.67 16.74 17.31
N GLY B 118 -23.88 15.78 16.84
CA GLY B 118 -23.43 14.69 17.68
C GLY B 118 -22.24 15.08 18.55
N ILE B 119 -21.82 14.16 19.41
CA ILE B 119 -20.72 14.39 20.33
C ILE B 119 -19.36 14.25 19.64
N LYS B 120 -18.42 15.11 19.99
CA LYS B 120 -17.10 15.09 19.38
C LYS B 120 -16.24 13.92 19.89
N ARG B 121 -15.81 13.07 18.97
CA ARG B 121 -14.98 11.92 19.32
C ARG B 121 -13.91 11.70 18.29
N TRP B 122 -12.85 11.01 18.69
CA TRP B 122 -11.83 10.57 17.76
C TRP B 122 -12.10 9.10 17.50
N ARG B 123 -12.34 8.74 16.24
CA ARG B 123 -12.80 7.39 15.93
C ARG B 123 -11.84 6.67 14.99
N ARG B 124 -11.69 5.37 15.22
CA ARG B 124 -11.16 4.49 14.19
C ARG B 124 -12.35 3.87 13.47
N PHE B 125 -12.34 3.94 12.15
CA PHE B 125 -13.42 3.34 11.36
C PHE B 125 -13.17 1.85 11.12
N ASP B 126 -14.25 1.08 11.21
CA ASP B 126 -14.23 -0.35 10.98
C ASP B 126 -13.44 -0.66 9.72
N GLY B 127 -12.47 -1.57 9.83
CA GLY B 127 -11.63 -1.91 8.69
C GLY B 127 -10.47 -2.83 9.07
N PRO B 128 -9.41 -2.79 8.27
CA PRO B 128 -8.27 -3.71 8.43
C PRO B 128 -7.58 -3.64 9.80
N CYS B 129 -7.72 -2.54 10.52
CA CYS B 129 -7.06 -2.40 11.82
C CYS B 129 -7.96 -2.78 12.98
N GLY B 130 -9.17 -3.23 12.68
CA GLY B 130 -10.11 -3.60 13.71
C GLY B 130 -11.47 -2.95 13.53
N TYR B 131 -12.37 -3.21 14.47
CA TYR B 131 -13.71 -2.66 14.46
C TYR B 131 -13.73 -1.17 14.78
N ASP B 132 -14.91 -0.56 14.66
CA ASP B 132 -15.13 0.82 15.08
C ASP B 132 -14.68 1.04 16.51
N LEU B 133 -13.91 2.10 16.72
CA LEU B 133 -13.56 2.55 18.08
C LEU B 133 -13.82 4.04 18.21
N TYR B 134 -14.21 4.47 19.41
CA TYR B 134 -14.46 5.89 19.67
C TYR B 134 -13.98 6.28 21.06
N THR B 135 -13.63 7.55 21.22
CA THR B 135 -13.24 8.08 22.54
C THR B 135 -14.47 8.45 23.36
N ALA B 136 -14.32 8.43 24.69
CA ALA B 136 -15.44 8.70 25.58
C ALA B 136 -15.84 10.18 25.60
N ASP B 137 -17.02 10.47 26.14
CA ASP B 137 -17.53 11.84 26.23
C ASP B 137 -16.48 12.81 26.75
N ASN B 138 -16.29 13.92 26.05
CA ASN B 138 -15.37 15.00 26.45
C ASN B 138 -13.87 14.65 26.46
N VAL B 139 -13.50 13.48 25.96
CA VAL B 139 -12.08 13.17 25.86
C VAL B 139 -11.43 14.06 24.79
N ILE B 140 -12.16 14.32 23.72
CA ILE B 140 -11.70 15.23 22.68
C ILE B 140 -12.43 16.57 22.87
N PRO B 141 -11.70 17.70 22.80
CA PRO B 141 -12.37 18.99 23.04
C PRO B 141 -13.27 19.35 21.87
N LYS B 142 -14.27 20.19 22.14
CA LYS B 142 -15.17 20.66 21.09
C LYS B 142 -14.37 21.34 19.98
N ASP B 143 -13.25 21.92 20.36
CA ASP B 143 -12.33 22.56 19.43
C ASP B 143 -11.77 21.59 18.38
N GLY B 144 -11.86 20.30 18.66
CA GLY B 144 -11.33 19.30 17.73
C GLY B 144 -9.85 19.05 17.94
N LEU B 145 -9.19 18.53 16.90
CA LEU B 145 -7.79 18.11 16.97
C LEU B 145 -6.90 19.08 16.21
N ARG B 146 -5.61 19.07 16.55
CA ARG B 146 -4.66 19.96 15.90
C ARG B 146 -3.48 19.18 15.34
N GLY B 147 -3.71 17.90 15.09
CA GLY B 147 -2.68 17.07 14.53
C GLY B 147 -3.00 15.61 14.80
N ALA B 148 -2.55 14.75 13.89
CA ALA B 148 -2.78 13.31 14.02
C ALA B 148 -1.88 12.60 13.05
N PHE B 149 -1.24 11.54 13.53
CA PHE B 149 -0.30 10.82 12.71
C PHE B 149 -0.05 9.46 13.32
N VAL B 150 0.49 8.57 12.49
CA VAL B 150 0.79 7.21 12.90
C VAL B 150 2.31 7.08 12.97
N ASP B 151 2.80 6.46 14.03
CA ASP B 151 4.24 6.28 14.20
C ASP B 151 4.45 4.98 14.95
N LYS B 152 5.44 4.21 14.52
CA LYS B 152 5.78 2.98 15.21
C LYS B 152 6.35 3.30 16.58
N ASP B 153 5.91 2.53 17.57
CA ASP B 153 6.49 2.56 18.90
C ASP B 153 7.04 1.16 19.09
N GLY B 154 8.33 0.98 18.83
CA GLY B 154 8.93 -0.34 18.80
C GLY B 154 8.25 -1.23 17.77
N THR B 155 7.66 -2.31 18.24
CA THR B 155 7.03 -3.33 17.40
C THR B 155 5.68 -2.91 16.79
N TYR B 156 4.92 -2.11 17.54
CA TYR B 156 3.55 -1.80 17.16
C TYR B 156 3.35 -0.39 16.64
N ASP B 157 2.38 -0.23 15.75
CA ASP B 157 1.98 1.09 15.28
C ASP B 157 1.10 1.78 16.30
N LYS B 158 1.42 3.04 16.57
CA LYS B 158 0.55 3.85 17.42
C LYS B 158 0.03 5.10 16.70
N VAL B 159 -1.18 5.50 17.08
CA VAL B 159 -1.77 6.74 16.63
C VAL B 159 -1.56 7.81 17.69
N TYR B 160 -1.08 8.98 17.26
CA TYR B 160 -0.87 10.13 18.12
C TYR B 160 -1.72 11.28 17.63
N ILE B 161 -2.40 11.95 18.55
CA ILE B 161 -3.20 13.10 18.19
C ILE B 161 -2.80 14.24 19.12
N LEU B 162 -2.95 15.47 18.61
CA LEU B 162 -2.69 16.66 19.41
C LEU B 162 -3.96 17.48 19.58
N PHE B 163 -4.14 18.05 20.76
CA PHE B 163 -5.25 18.97 20.98
C PHE B 163 -4.98 19.89 22.16
N THR B 164 -5.75 20.98 22.20
CA THR B 164 -5.76 21.88 23.34
C THR B 164 -7.09 21.75 24.09
N ASP B 165 -7.03 21.30 25.34
CA ASP B 165 -8.20 21.25 26.22
C ASP B 165 -8.44 22.61 26.88
N THR B 166 -9.69 22.82 27.30
CA THR B 166 -10.07 23.97 28.11
C THR B 166 -10.60 23.48 29.46
N ILE B 167 -9.97 23.89 30.55
CA ILE B 167 -10.37 23.43 31.87
C ILE B 167 -10.41 24.56 32.89
N GLY B 168 -10.84 24.25 34.11
CA GLY B 168 -10.86 25.23 35.18
C GLY B 168 -12.25 25.75 35.51
N SER B 169 -12.38 26.40 36.66
CA SER B 169 -13.64 27.00 37.07
C SER B 169 -13.47 28.50 37.32
N LYS B 170 -12.73 28.85 38.38
CA LYS B 170 -12.41 30.25 38.65
C LYS B 170 -11.53 30.79 37.55
N ARG B 171 -10.53 30.00 37.17
CA ARG B 171 -9.62 30.33 36.08
C ARG B 171 -9.86 29.34 34.96
N ILE B 172 -10.28 29.83 33.80
CA ILE B 172 -10.35 28.98 32.61
C ILE B 172 -9.00 28.98 31.91
N VAL B 173 -8.37 27.82 31.81
CA VAL B 173 -7.06 27.73 31.19
C VAL B 173 -7.03 26.71 30.08
N LYS B 174 -6.10 26.88 29.17
CA LYS B 174 -5.93 25.95 28.06
C LYS B 174 -4.71 25.08 28.27
N ILE B 175 -4.84 23.80 27.93
CA ILE B 175 -3.78 22.82 28.14
C ILE B 175 -3.52 22.04 26.86
N PRO B 176 -2.30 22.17 26.31
CA PRO B 176 -1.95 21.37 25.12
C PRO B 176 -1.59 19.93 25.50
N TYR B 177 -2.11 18.95 24.75
CA TYR B 177 -1.84 17.54 24.98
C TYR B 177 -1.42 16.82 23.70
N ILE B 178 -0.61 15.79 23.87
CA ILE B 178 -0.49 14.76 22.84
C ILE B 178 -1.09 13.51 23.45
N ALA B 179 -1.87 12.78 22.66
CA ALA B 179 -2.45 11.53 23.12
C ALA B 179 -2.00 10.39 22.21
N GLN B 180 -1.90 9.20 22.80
CA GLN B 180 -1.47 8.02 22.09
C GLN B 180 -2.48 6.90 22.24
N MET B 181 -2.51 6.02 21.26
CA MET B 181 -3.33 4.82 21.30
C MET B 181 -2.77 3.81 20.30
N CYS B 182 -3.05 2.53 20.50
CA CYS B 182 -2.57 1.53 19.56
C CYS B 182 -3.43 1.49 18.31
N LEU B 183 -2.79 1.52 17.14
CA LEU B 183 -3.51 1.54 15.87
C LEU B 183 -4.43 0.34 15.76
N ASN B 184 -3.96 -0.80 16.27
CA ASN B 184 -4.67 -2.05 16.16
C ASN B 184 -5.34 -2.45 17.47
N ASP B 185 -5.58 -1.45 18.32
CA ASP B 185 -6.36 -1.59 19.54
C ASP B 185 -7.62 -2.44 19.27
N GLU B 186 -7.86 -3.46 20.09
CA GLU B 186 -9.03 -4.32 19.90
C GLU B 186 -10.25 -3.90 20.75
N GLY B 187 -10.12 -2.82 21.50
CA GLY B 187 -11.25 -2.25 22.19
C GLY B 187 -11.45 -2.85 23.57
N GLY B 188 -12.50 -2.41 24.25
CA GLY B 188 -12.82 -2.93 25.56
C GLY B 188 -13.06 -4.45 25.59
N PRO B 189 -12.91 -5.06 26.77
CA PRO B 189 -12.87 -6.50 27.08
C PRO B 189 -14.15 -7.24 26.76
N SER B 190 -15.25 -6.53 26.57
CA SER B 190 -16.48 -7.24 26.24
C SER B 190 -17.46 -6.42 25.41
N SER B 191 -18.57 -7.05 25.08
CA SER B 191 -19.49 -6.51 24.10
C SER B 191 -19.93 -5.11 24.46
N LEU B 192 -20.06 -4.86 25.77
CA LEU B 192 -20.53 -3.55 26.22
C LEU B 192 -19.51 -2.45 25.98
N SER B 193 -18.25 -2.81 25.86
CA SER B 193 -17.16 -1.83 25.73
C SER B 193 -16.26 -2.04 24.53
N SER B 194 -16.65 -2.96 23.64
CA SER B 194 -15.72 -3.40 22.58
C SER B 194 -15.42 -2.30 21.56
N HIS B 195 -16.29 -1.31 21.47
CA HIS B 195 -16.07 -0.16 20.58
C HIS B 195 -15.37 1.04 21.25
N ARG B 196 -14.87 0.86 22.47
CA ARG B 196 -14.15 1.91 23.17
C ARG B 196 -12.66 1.68 23.06
N TRP B 197 -11.90 2.74 22.77
CA TRP B 197 -10.45 2.68 22.83
C TRP B 197 -10.06 2.12 24.20
N SER B 198 -9.01 1.32 24.26
CA SER B 198 -8.61 0.70 25.52
C SER B 198 -7.16 1.00 25.86
N THR B 199 -6.53 1.82 25.03
CA THR B 199 -5.11 2.14 25.12
C THR B 199 -4.86 3.64 25.06
N PHE B 200 -5.92 4.42 25.22
CA PHE B 200 -5.87 5.88 25.14
C PHE B 200 -5.23 6.54 26.37
N LEU B 201 -4.07 7.17 26.16
CA LEU B 201 -3.45 8.00 27.19
C LEU B 201 -3.07 9.35 26.61
N LYS B 202 -3.03 10.38 27.44
CA LYS B 202 -2.57 11.70 26.98
C LYS B 202 -1.54 12.27 27.94
N VAL B 203 -0.64 13.10 27.41
CA VAL B 203 0.29 13.82 28.28
C VAL B 203 0.39 15.27 27.83
N GLU B 204 0.47 16.15 28.82
CA GLU B 204 0.61 17.58 28.64
C GLU B 204 1.91 17.93 27.92
N LEU B 205 1.85 18.95 27.08
CA LEU B 205 3.04 19.48 26.40
C LEU B 205 3.42 20.81 27.01
N GLU B 206 4.71 21.08 27.10
CA GLU B 206 5.17 22.39 27.54
C GLU B 206 5.85 23.18 26.41
N CYS B 207 5.47 24.44 26.27
CA CYS B 207 6.15 25.34 25.36
C CYS B 207 6.27 26.73 26.03
N ASP B 208 7.32 26.89 26.84
CA ASP B 208 7.52 28.07 27.68
C ASP B 208 8.82 28.82 27.37
N ILE B 209 8.80 30.14 27.57
CA ILE B 209 10.01 30.97 27.51
C ILE B 209 9.81 32.27 28.30
N ASP B 210 10.71 32.51 29.26
CA ASP B 210 10.74 33.77 29.99
C ASP B 210 9.36 34.16 30.54
N GLY B 211 8.63 33.17 31.03
CA GLY B 211 7.34 33.44 31.64
C GLY B 211 6.15 33.33 30.69
N ARG B 212 6.41 33.34 29.39
CA ARG B 212 5.35 33.08 28.41
C ARG B 212 5.09 31.56 28.35
N SER B 213 3.82 31.17 28.46
CA SER B 213 3.45 29.76 28.44
C SER B 213 2.41 29.53 27.36
N TYR B 214 2.85 28.96 26.23
CA TYR B 214 1.98 28.79 25.07
C TYR B 214 1.11 27.54 25.23
N ARG B 215 -0.19 27.68 24.93
CA ARG B 215 -1.15 26.60 25.17
C ARG B 215 -1.99 26.18 23.96
N GLN B 216 -2.32 27.13 23.08
CA GLN B 216 -3.24 26.87 21.97
C GLN B 216 -2.51 26.31 20.75
N ILE B 217 -2.70 25.03 20.45
CA ILE B 217 -2.01 24.49 19.28
C ILE B 217 -2.64 24.97 17.97
N ILE B 218 -1.82 25.45 17.04
CA ILE B 218 -2.31 25.87 15.74
C ILE B 218 -2.26 24.71 14.75
N HIS B 219 -1.13 24.01 14.72
CA HIS B 219 -0.85 23.06 13.68
C HIS B 219 0.42 22.32 14.07
N SER B 220 0.58 21.09 13.58
CA SER B 220 1.77 20.29 13.86
C SER B 220 2.16 19.41 12.69
N ARG B 221 3.39 18.93 12.71
CA ARG B 221 3.81 17.89 11.79
C ARG B 221 5.03 17.20 12.38
N THR B 222 5.48 16.14 11.73
CA THR B 222 6.63 15.40 12.21
C THR B 222 7.68 15.31 11.11
N ILE B 223 8.92 15.10 11.53
CA ILE B 223 10.04 14.97 10.63
C ILE B 223 10.89 13.82 11.16
N LYS B 224 11.28 12.90 10.29
CA LYS B 224 12.16 11.82 10.73
C LYS B 224 13.60 12.28 10.76
N THR B 225 14.33 11.81 11.76
CA THR B 225 15.78 12.00 11.79
C THR B 225 16.43 10.62 11.77
N ASP B 226 17.75 10.60 11.92
CA ASP B 226 18.47 9.32 11.92
C ASP B 226 17.93 8.37 12.97
N ASN B 227 17.72 8.87 14.18
CA ASN B 227 17.43 8.03 15.34
C ASN B 227 16.15 8.41 16.07
N ASP B 228 15.36 9.30 15.49
CA ASP B 228 14.18 9.85 16.16
C ASP B 228 13.19 10.37 15.14
N THR B 229 12.01 10.73 15.63
CA THR B 229 11.01 11.46 14.86
C THR B 229 10.76 12.73 15.67
N ILE B 230 10.93 13.89 15.02
CA ILE B 230 10.78 15.15 15.73
C ILE B 230 9.42 15.79 15.50
N LEU B 231 8.73 16.10 16.59
CA LEU B 231 7.40 16.68 16.51
C LEU B 231 7.45 18.21 16.58
N TYR B 232 6.98 18.86 15.51
CA TYR B 232 6.96 20.32 15.41
C TYR B 232 5.57 20.81 15.69
N VAL B 233 5.45 21.74 16.62
CA VAL B 233 4.13 22.18 17.08
C VAL B 233 4.12 23.69 17.17
N PHE B 234 3.25 24.32 16.39
CA PHE B 234 3.15 25.77 16.38
C PHE B 234 1.99 26.15 17.31
N PHE B 235 2.26 27.10 18.22
CA PHE B 235 1.27 27.52 19.20
C PHE B 235 0.90 28.99 18.99
N ASP B 236 -0.36 29.30 19.19
CA ASP B 236 -0.82 30.68 19.17
C ASP B 236 -0.95 31.19 20.61
N SER B 237 -1.19 32.48 20.75
CA SER B 237 -1.52 33.04 22.06
C SER B 237 -2.51 34.18 21.86
N PRO B 238 -3.22 34.56 22.92
CA PRO B 238 -4.17 35.70 22.94
C PRO B 238 -3.42 37.03 23.01
N TYR B 239 -2.09 36.98 23.06
CA TYR B 239 -1.30 38.20 23.09
C TYR B 239 -0.77 38.45 21.69
N SER B 240 0.44 38.99 21.58
CA SER B 240 0.92 39.38 20.25
C SER B 240 1.91 38.40 19.65
N LYS B 241 2.07 37.22 20.27
CA LYS B 241 3.08 36.27 19.84
C LYS B 241 2.57 34.86 19.53
N SER B 242 3.37 34.15 18.76
CA SER B 242 3.17 32.74 18.50
C SER B 242 4.53 32.11 18.77
N ALA B 243 4.58 30.79 18.82
CA ALA B 243 5.82 30.10 19.13
C ALA B 243 5.83 28.71 18.53
N LEU B 244 6.99 28.31 18.02
CA LEU B 244 7.16 26.97 17.52
C LEU B 244 8.07 26.20 18.46
N CYS B 245 7.56 25.09 19.00
CA CYS B 245 8.38 24.20 19.81
C CYS B 245 8.56 22.87 19.11
N THR B 246 9.64 22.18 19.45
CA THR B 246 9.86 20.85 18.91
C THR B 246 9.95 19.87 20.07
N TYR B 247 9.61 18.62 19.80
CA TYR B 247 9.62 17.56 20.79
C TYR B 247 10.24 16.30 20.22
N SER B 248 10.94 15.55 21.06
CA SER B 248 11.42 14.24 20.64
C SER B 248 10.32 13.21 20.83
N MET B 249 9.95 12.51 19.75
CA MET B 249 8.98 11.43 19.87
C MET B 249 9.54 10.30 20.73
N ASN B 250 10.86 10.10 20.72
CA ASN B 250 11.48 9.13 21.63
C ASN B 250 11.20 9.50 23.09
N THR B 251 11.31 10.79 23.41
CA THR B 251 11.01 11.27 24.76
C THR B 251 9.54 11.08 25.10
N ILE B 252 8.66 11.39 24.16
CA ILE B 252 7.21 11.20 24.36
C ILE B 252 6.83 9.73 24.58
N LYS B 253 7.35 8.86 23.72
CA LYS B 253 7.14 7.42 23.86
C LYS B 253 7.66 6.92 25.21
N GLN B 254 8.84 7.41 25.60
CA GLN B 254 9.42 7.04 26.88
C GLN B 254 8.50 7.47 28.03
N SER B 255 7.92 8.65 27.90
CA SER B 255 7.01 9.13 28.94
C SER B 255 5.77 8.25 29.05
N PHE B 256 5.20 7.88 27.90
CA PHE B 256 4.01 7.06 27.93
C PHE B 256 4.28 5.70 28.53
N SER B 257 5.47 5.15 28.29
CA SER B 257 5.77 3.82 28.79
C SER B 257 6.34 3.79 30.21
N THR B 258 6.75 4.94 30.74
CA THR B 258 7.38 4.93 32.07
C THR B 258 6.69 5.79 33.12
N SER B 259 5.84 6.73 32.69
CA SER B 259 5.23 7.64 33.66
C SER B 259 4.13 6.97 34.47
N LYS B 260 3.96 7.46 35.68
CA LYS B 260 2.86 7.11 36.54
C LYS B 260 1.62 7.80 35.97
N LEU B 261 0.44 7.27 36.30
CA LEU B 261 -0.80 7.94 35.97
C LEU B 261 -1.22 8.88 37.07
N GLU B 262 -1.60 10.09 36.68
CA GLU B 262 -2.16 11.08 37.57
C GLU B 262 -3.26 10.49 38.46
N GLY B 263 -3.08 10.58 39.77
CA GLY B 263 -4.11 10.16 40.71
C GLY B 263 -4.13 8.67 41.04
N TYR B 264 -3.09 7.95 40.61
CA TYR B 264 -3.03 6.51 40.82
C TYR B 264 -1.69 6.14 41.45
N THR B 265 -1.73 5.56 42.65
CA THR B 265 -0.48 5.26 43.38
C THR B 265 -0.15 3.76 43.47
N LYS B 266 -1.17 2.93 43.36
CA LYS B 266 -1.01 1.48 43.43
C LYS B 266 -0.23 0.87 42.27
N GLN B 267 0.16 -0.38 42.44
CA GLN B 267 0.72 -1.19 41.38
C GLN B 267 -0.23 -1.16 40.19
N LEU B 268 0.27 -0.81 39.01
CA LEU B 268 -0.56 -0.79 37.82
C LEU B 268 -0.90 -2.22 37.41
N PRO B 269 -2.03 -2.40 36.70
CA PRO B 269 -2.29 -3.75 36.20
C PRO B 269 -1.25 -4.06 35.13
N SER B 270 -0.98 -5.33 34.89
CA SER B 270 -0.09 -5.71 33.79
C SER B 270 -0.89 -6.71 32.99
N PRO B 271 -1.35 -6.32 31.77
CA PRO B 271 -0.83 -5.33 30.83
C PRO B 271 -0.92 -3.87 31.31
N ALA B 272 0.21 -3.17 31.32
CA ALA B 272 0.22 -1.75 31.70
C ALA B 272 -0.68 -0.93 30.78
N PRO B 273 -1.38 0.08 31.33
CA PRO B 273 -2.25 0.87 30.44
C PRO B 273 -1.44 1.53 29.34
N GLY B 274 -1.96 1.50 28.13
CA GLY B 274 -1.36 2.22 27.02
C GLY B 274 -0.45 1.40 26.12
N ILE B 275 -0.02 0.22 26.56
CA ILE B 275 0.83 -0.60 25.69
C ILE B 275 0.00 -1.43 24.71
N CYS B 276 0.57 -1.66 23.52
CA CYS B 276 -0.12 -2.50 22.54
C CYS B 276 0.07 -3.98 22.87
N LEU B 277 -0.89 -4.79 22.46
CA LEU B 277 -0.89 -6.24 22.68
C LEU B 277 -0.73 -7.01 21.37
N PRO B 278 -0.24 -8.25 21.44
CA PRO B 278 -0.19 -9.11 20.27
C PRO B 278 -1.54 -9.17 19.57
N ALA B 279 -1.53 -9.38 18.26
CA ALA B 279 -2.76 -9.41 17.47
C ALA B 279 -3.77 -10.41 18.01
N GLY B 280 -5.02 -9.99 18.09
CA GLY B 280 -6.09 -10.85 18.58
C GLY B 280 -6.34 -10.70 20.07
N LYS B 281 -5.43 -10.02 20.76
CA LYS B 281 -5.49 -9.94 22.22
C LYS B 281 -6.15 -8.65 22.71
N VAL B 282 -6.91 -8.77 23.79
CA VAL B 282 -7.69 -7.68 24.37
C VAL B 282 -7.18 -7.34 25.78
N VAL B 283 -7.23 -6.06 26.16
CA VAL B 283 -6.81 -5.70 27.52
C VAL B 283 -7.71 -6.39 28.56
N SER B 284 -7.17 -6.58 29.75
CA SER B 284 -7.94 -7.19 30.83
C SER B 284 -8.99 -6.21 31.32
N HIS B 285 -10.00 -6.74 31.99
CA HIS B 285 -11.05 -5.91 32.58
C HIS B 285 -10.48 -4.88 33.54
N THR B 286 -9.48 -5.27 34.33
CA THR B 286 -8.94 -4.33 35.32
C THR B 286 -8.12 -3.24 34.63
N THR B 287 -7.32 -3.61 33.65
CA THR B 287 -6.57 -2.58 32.90
C THR B 287 -7.54 -1.58 32.30
N PHE B 288 -8.58 -2.07 31.63
CA PHE B 288 -9.58 -1.20 31.00
C PHE B 288 -10.26 -0.28 32.00
N GLU B 289 -10.69 -0.83 33.14
CA GLU B 289 -11.34 -0.01 34.14
C GLU B 289 -10.40 1.08 34.64
N VAL B 290 -9.14 0.74 34.83
CA VAL B 290 -8.17 1.75 35.26
C VAL B 290 -8.01 2.86 34.22
N ILE B 291 -7.73 2.47 32.98
CA ILE B 291 -7.40 3.46 31.94
C ILE B 291 -8.60 4.34 31.55
N GLU B 292 -9.81 3.83 31.69
CA GLU B 292 -11.00 4.65 31.46
C GLU B 292 -11.08 5.79 32.48
N LYS B 293 -10.61 5.53 33.70
CA LYS B 293 -10.69 6.56 34.74
C LYS B 293 -9.41 7.38 34.84
N TYR B 294 -8.27 6.73 34.62
CA TYR B 294 -6.96 7.38 34.79
C TYR B 294 -6.19 7.38 33.47
N ASN B 295 -6.42 8.39 32.65
CA ASN B 295 -5.88 8.41 31.31
C ASN B 295 -4.86 9.54 31.09
N VAL B 296 -4.48 10.24 32.15
CA VAL B 296 -3.50 11.34 32.08
C VAL B 296 -2.20 11.02 32.79
N LEU B 297 -1.08 11.15 32.10
CA LEU B 297 0.22 10.89 32.71
C LEU B 297 0.58 11.99 33.68
N ASP B 298 1.22 11.61 34.79
CA ASP B 298 1.84 12.58 35.69
C ASP B 298 3.20 12.98 35.12
N ASP B 299 3.17 13.77 34.07
CA ASP B 299 4.40 14.26 33.47
C ASP B 299 4.02 15.45 32.60
N ILE B 300 5.03 16.18 32.14
CA ILE B 300 4.82 17.22 31.13
C ILE B 300 6.01 17.18 30.20
N ILE B 301 5.75 17.19 28.91
CA ILE B 301 6.83 17.00 27.95
C ILE B 301 7.52 18.33 27.70
N LYS B 302 8.84 18.36 27.92
CA LYS B 302 9.62 19.56 27.65
C LYS B 302 10.13 19.55 26.22
N PRO B 303 10.16 20.72 25.57
CA PRO B 303 10.60 20.79 24.17
C PRO B 303 12.10 20.70 24.07
N LEU B 304 12.61 20.37 22.90
CA LEU B 304 14.04 20.39 22.66
C LEU B 304 14.56 21.82 22.86
N SER B 305 15.63 21.94 23.63
CA SER B 305 16.21 23.24 24.05
C SER B 305 15.45 23.87 25.21
N ASN B 306 14.32 23.27 25.57
CA ASN B 306 13.49 23.72 26.69
C ASN B 306 12.81 25.07 26.48
N GLN B 307 12.86 25.56 25.26
CA GLN B 307 12.12 26.75 24.89
C GLN B 307 11.78 26.66 23.40
N PRO B 308 10.93 27.55 22.90
CA PRO B 308 10.59 27.54 21.47
C PRO B 308 11.81 27.70 20.60
N ILE B 309 11.80 27.06 19.44
CA ILE B 309 12.84 27.25 18.44
C ILE B 309 12.85 28.72 18.05
N PHE B 310 11.66 29.30 17.96
CA PHE B 310 11.54 30.75 17.82
C PHE B 310 10.13 31.16 18.17
N GLU B 311 9.94 32.46 18.34
CA GLU B 311 8.62 33.03 18.48
C GLU B 311 8.32 33.88 17.26
N GLY B 312 7.05 33.90 16.85
CA GLY B 312 6.65 34.71 15.71
C GLY B 312 5.45 35.56 16.10
N PRO B 313 4.76 36.12 15.11
CA PRO B 313 3.64 37.01 15.40
C PRO B 313 2.40 36.16 15.65
N SER B 314 1.43 36.69 16.39
CA SER B 314 0.20 35.95 16.62
C SER B 314 -0.61 35.87 15.33
N GLY B 315 -1.54 34.94 15.24
CA GLY B 315 -2.35 34.81 14.04
C GLY B 315 -1.77 33.86 13.00
N VAL B 316 -0.70 33.16 13.36
CA VAL B 316 -0.11 32.16 12.47
C VAL B 316 -1.12 31.05 12.22
N LYS B 317 -1.31 30.70 10.95
CA LYS B 317 -2.36 29.78 10.54
C LYS B 317 -1.86 28.39 10.19
N TRP B 318 -0.58 28.28 9.80
CA TRP B 318 -0.06 27.03 9.23
C TRP B 318 1.44 27.15 9.10
N PHE B 319 2.11 26.02 9.02
CA PHE B 319 3.54 26.01 8.76
C PHE B 319 3.94 24.68 8.14
N ASP B 320 5.11 24.67 7.55
CA ASP B 320 5.66 23.44 7.03
C ASP B 320 7.16 23.63 6.92
N ILE B 321 7.87 22.56 6.59
CA ILE B 321 9.31 22.53 6.75
C ILE B 321 9.99 21.98 5.51
N LYS B 322 11.15 22.54 5.16
CA LYS B 322 11.98 21.91 4.14
C LYS B 322 13.39 21.65 4.70
N GLU B 323 13.82 20.40 4.67
CA GLU B 323 15.16 20.07 5.16
C GLU B 323 16.22 20.65 4.23
N LYS B 324 17.26 21.24 4.82
CA LYS B 324 18.35 21.82 4.05
C LYS B 324 19.42 20.77 3.75
N ARG B 329 20.30 18.15 8.90
CA ARG B 329 20.24 18.63 10.27
C ARG B 329 19.59 20.02 10.37
N GLU B 330 19.76 20.82 9.31
CA GLU B 330 19.20 22.18 9.28
C GLU B 330 17.92 22.25 8.45
N TYR B 331 17.02 23.18 8.80
CA TYR B 331 15.73 23.30 8.12
C TYR B 331 15.38 24.74 7.79
N ARG B 332 14.53 24.91 6.77
CA ARG B 332 13.86 26.18 6.58
C ARG B 332 12.41 25.97 6.96
N ILE B 333 11.90 26.83 7.82
CA ILE B 333 10.54 26.68 8.31
C ILE B 333 9.66 27.78 7.73
N TYR B 334 8.68 27.40 6.91
CA TYR B 334 7.75 28.37 6.34
C TYR B 334 6.49 28.44 7.16
N PHE B 335 6.05 29.65 7.47
CA PHE B 335 4.77 29.83 8.09
C PHE B 335 4.04 31.05 7.55
N ILE B 336 2.73 31.05 7.72
CA ILE B 336 1.90 32.06 7.10
C ILE B 336 0.93 32.68 8.07
N LYS B 337 0.55 33.92 7.78
CA LYS B 337 -0.62 34.54 8.36
C LYS B 337 -1.58 34.76 7.20
N GLU B 338 -2.72 35.37 7.48
CA GLU B 338 -3.74 35.58 6.46
C GLU B 338 -3.19 36.29 5.21
N ASN B 339 -2.27 37.23 5.38
CA ASN B 339 -1.81 38.02 4.24
C ASN B 339 -0.31 38.11 4.14
N SER B 340 0.42 37.18 4.75
CA SER B 340 1.88 37.26 4.75
C SER B 340 2.58 35.92 4.85
N ILE B 341 3.83 35.91 4.42
CA ILE B 341 4.63 34.70 4.40
C ILE B 341 5.91 34.92 5.18
N TYR B 342 6.23 33.97 6.04
CA TYR B 342 7.46 34.03 6.81
C TYR B 342 8.27 32.77 6.55
N SER B 343 9.57 32.87 6.72
CA SER B 343 10.43 31.70 6.76
C SER B 343 11.44 31.93 7.86
N PHE B 344 11.90 30.82 8.45
CA PHE B 344 12.90 30.88 9.51
C PHE B 344 13.95 29.83 9.20
N ASP B 345 15.21 30.26 9.22
CA ASP B 345 16.32 29.36 8.92
C ASP B 345 16.89 28.88 10.25
N THR B 346 16.90 27.57 10.46
CA THR B 346 17.36 27.03 11.75
C THR B 346 18.85 27.24 11.98
N LYS B 347 19.62 27.38 10.91
CA LYS B 347 21.07 27.60 11.01
C LYS B 347 21.39 29.03 11.43
N SER B 348 20.95 29.99 10.62
CA SER B 348 21.22 31.40 10.85
C SER B 348 20.31 31.95 11.94
N LYS B 349 19.14 31.33 12.08
CA LYS B 349 18.12 31.80 13.01
C LYS B 349 17.54 33.12 12.52
N GLN B 350 17.74 33.35 11.22
CA GLN B 350 17.22 34.53 10.56
C GLN B 350 15.79 34.28 10.10
N THR B 351 14.92 35.23 10.40
CA THR B 351 13.54 35.19 9.94
C THR B 351 13.38 36.21 8.83
N ARG B 352 12.73 35.79 7.75
CA ARG B 352 12.37 36.70 6.66
C ARG B 352 10.85 36.71 6.48
N SER B 353 10.33 37.83 5.99
CA SER B 353 8.89 37.92 5.77
C SER B 353 8.58 38.60 4.44
N SER B 354 7.30 38.61 4.11
CA SER B 354 6.83 39.22 2.89
C SER B 354 5.31 39.30 2.94
N GLN B 355 4.77 40.44 2.55
CA GLN B 355 3.33 40.59 2.46
C GLN B 355 2.88 40.08 1.09
N VAL B 356 1.65 39.57 1.04
CA VAL B 356 1.09 39.11 -0.21
C VAL B 356 -0.32 39.63 -0.29
N ASP B 357 -0.83 39.81 -1.50
CA ASP B 357 -2.15 40.39 -1.68
C ASP B 357 -3.24 39.34 -1.43
N ALA B 358 -2.87 38.07 -1.51
CA ALA B 358 -3.82 36.98 -1.40
C ALA B 358 -4.23 36.65 0.03
N ARG B 359 -5.28 35.86 0.16
CA ARG B 359 -5.68 35.31 1.47
C ARG B 359 -5.17 33.88 1.59
N LEU B 360 -4.15 33.70 2.42
CA LEU B 360 -3.45 32.43 2.54
C LEU B 360 -4.19 31.44 3.44
N PHE B 361 -4.20 30.17 3.02
CA PHE B 361 -4.83 29.11 3.78
C PHE B 361 -3.78 28.18 4.39
N SER B 362 -2.74 27.87 3.62
CA SER B 362 -1.69 27.00 4.10
C SER B 362 -0.45 27.08 3.24
N VAL B 363 0.64 26.53 3.77
CA VAL B 363 1.85 26.33 3.00
C VAL B 363 2.18 24.86 3.13
N MET B 364 2.43 24.20 2.00
CA MET B 364 2.75 22.78 2.01
C MET B 364 3.98 22.52 1.15
N VAL B 365 4.91 21.74 1.65
CA VAL B 365 6.18 21.59 0.96
C VAL B 365 6.33 20.28 0.21
N THR B 366 6.59 20.38 -1.09
CA THR B 366 6.97 19.24 -1.89
C THR B 366 8.49 19.34 -2.12
N SER B 367 8.90 19.55 -3.36
CA SER B 367 10.29 19.90 -3.65
C SER B 367 10.46 21.38 -3.41
N LYS B 368 9.33 22.10 -3.39
CA LYS B 368 9.33 23.52 -3.09
C LYS B 368 8.14 23.85 -2.18
N PRO B 369 8.17 25.04 -1.57
CA PRO B 369 7.04 25.53 -0.79
C PRO B 369 5.87 25.89 -1.71
N LEU B 370 4.69 25.36 -1.41
CA LEU B 370 3.49 25.75 -2.12
C LEU B 370 2.59 26.54 -1.20
N PHE B 371 2.20 27.72 -1.64
CA PHE B 371 1.34 28.57 -0.86
C PHE B 371 -0.05 28.54 -1.45
N ILE B 372 -1.00 27.99 -0.68
CA ILE B 372 -2.36 27.82 -1.15
C ILE B 372 -3.22 28.95 -0.65
N ALA B 373 -3.86 29.65 -1.58
CA ALA B 373 -4.61 30.85 -1.24
C ALA B 373 -5.90 30.87 -2.03
N ASP B 374 -6.76 31.83 -1.69
CA ASP B 374 -8.03 32.01 -2.36
C ASP B 374 -7.85 32.19 -3.88
N ILE B 375 -6.73 32.78 -4.28
CA ILE B 375 -6.49 33.05 -5.70
C ILE B 375 -5.87 31.89 -6.47
N GLY B 376 -5.34 30.89 -5.75
CA GLY B 376 -4.67 29.78 -6.42
C GLY B 376 -3.45 29.24 -5.67
N ILE B 377 -2.51 28.68 -6.42
CA ILE B 377 -1.35 28.01 -5.81
C ILE B 377 -0.06 28.75 -6.12
N GLY B 378 0.59 29.24 -5.08
CA GLY B 378 1.85 29.96 -5.25
C GLY B 378 3.07 29.07 -5.07
N VAL B 379 3.89 28.97 -6.12
CA VAL B 379 5.09 28.15 -6.06
C VAL B 379 6.31 29.00 -5.69
N GLY B 380 7.00 28.64 -4.60
CA GLY B 380 8.25 29.29 -4.22
C GLY B 380 8.13 30.53 -3.34
N MET B 381 9.27 30.94 -2.75
CA MET B 381 9.31 32.09 -1.84
C MET B 381 9.60 33.39 -2.60
N PRO B 382 9.08 34.52 -2.09
CA PRO B 382 9.35 35.87 -2.61
C PRO B 382 10.50 36.56 -1.88
C1 NAG C . 16.53 8.62 -9.66
C2 NAG C . 15.64 8.62 -8.43
C3 NAG C . 14.95 9.96 -8.23
C4 NAG C . 15.96 11.10 -8.27
C5 NAG C . 16.89 10.99 -9.48
C6 NAG C . 18.00 12.00 -9.28
C7 NAG C . 14.56 6.56 -7.69
C8 NAG C . 13.33 5.69 -7.74
N2 NAG C . 14.61 7.59 -8.53
O3 NAG C . 14.36 10.00 -6.96
O4 NAG C . 15.26 12.32 -8.36
O5 NAG C . 17.44 9.69 -9.58
O6 NAG C . 18.76 12.09 -10.47
O7 NAG C . 15.46 6.31 -6.89
C1 NAG D . -8.21 16.43 -14.51
C2 NAG D . -7.59 15.04 -14.64
C3 NAG D . -8.46 14.12 -15.48
C4 NAG D . -9.89 14.13 -14.97
C5 NAG D . -10.42 15.56 -14.85
C6 NAG D . -11.80 15.58 -14.24
C7 NAG D . -5.19 15.07 -14.39
C8 NAG D . -4.07 16.04 -14.68
N2 NAG D . -6.25 15.12 -15.20
O3 NAG D . -7.96 12.79 -15.43
O4 NAG D . -10.72 13.38 -15.82
O5 NAG D . -9.56 16.38 -14.07
O6 NAG D . -12.25 16.90 -14.09
O7 NAG D . -5.11 14.28 -13.45
#